data_6DC3
#
_entry.id   6DC3
#
_cell.length_a   270.320
_cell.length_b   270.320
_cell.length_c   270.320
_cell.angle_alpha   90.000
_cell.angle_beta   90.000
_cell.angle_gamma   90.000
#
_symmetry.space_group_name_H-M   'I 2 3'
#
loop_
_entity.id
_entity.type
_entity.pdbx_description
1 polymer 'Fab RSD5-Germline Heavy Chain'
2 polymer 'Fab RSD5-Germline Light Chain'
3 polymer 'RSV fusion glycoprotein'
4 non-polymer 'SULFATE ION'
5 non-polymer 2-acetamido-2-deoxy-beta-D-glucopyranose
#
loop_
_entity_poly.entity_id
_entity_poly.type
_entity_poly.pdbx_seq_one_letter_code
_entity_poly.pdbx_strand_id
1 'polypeptide(L)'
;QVQLVESGGGVVQPGRSLRLSCAASGFAFNNFAMHWVRQAPGKGLEWVAVVSYDGTSPYYADSVKGRFTISRDNSKNTLY
LQMNSLRAEDTAVYYCARGLGSGSYSWIGYFYAMDVWGQGTTVTVSSASTKGPSVFPLAPSSKSTSGGTAALGCLVKDYF
PEPVTVSWNSGALTSGVHTFPAVLQSSGLYSLSSVVTVPSSSLGTQTYICNVNHKPSNTKVDKRVEPKSC
;
H
2 'polypeptide(L)'
;QSALTQPASVSGSPGQSITISCTGTSSDVGGYVYVSWYQQHPGKAPKLMIYDVSNRPSGVSNRFSGSKSGNTASLTISGL
QAEDEADYYCISYTDRNTVVFGGGTKLTVLGQPKAAPSVTLFPPSSEELQANKATLVCLISDFYPGAVTVAWKADSSPVK
AGVETTTPSKQSNNKYAASSYLSLTPEQWKSHRSYSCQVTHEGSTVEKTVAPTECS
;
L
3 'polypeptide(L)'
;MELLILKANAITTILTAVTFCFASGQNITEEFYQSTCSAVSKGYLSALRTGWYTSVITIELSNIKENKCNGTDAKVKLIK
QELDKYKNAVTELQLLMQSTPATNNRARRELPRFMNYTLNNAKKTNVTLSKKRKRRFLGFLLGVGSAIASGVAVCKVLHL
EGEVNKIKSALLSTNKAVVSLSNGVSVLTFKVLDLKNYIDKQLLPILNKQSCSISNIETVIEFQQKNNRLLEITREFSVN
AGVTTPVSTYMLTNSELLSLINDMPITNDQKKLMSNNVQIVRQQSYSIMCIIKEEVLAYVVQLPLYGVIDTPCWKLHTSP
LCTTNTKEGSNICLTRTDRGWYCDNAGSVSFFPQAETCKVQSNRVFCDTMNSLTLPSEVNLCNVDIFNPKYDCKIMTSKT
DVSSSVITSLGAIVSCYGKTKCTASNKNRGIIKTFSNGCDYVSNKGVDTVSVGNTLYYVNKQEGKSLYVKGEPIINFYDP
LVFPSDEFDASISQVNEKINQSLAFIRKSDELLSAIGGYIPEAPRDGQAYVRKDGEWVLLSTFLGGLVPRGSHHHHHHSA
WSHPQFEK
;
F
#
loop_
_chem_comp.id
_chem_comp.type
_chem_comp.name
_chem_comp.formula
NAG D-saccharide, beta linking 2-acetamido-2-deoxy-beta-D-glucopyranose 'C8 H15 N O6'
SO4 non-polymer 'SULFATE ION' 'O4 S -2'
#
# COMPACT_ATOMS: atom_id res chain seq x y z
N GLN A 1 19.10 -20.60 18.14
CA GLN A 1 18.22 -20.12 19.19
C GLN A 1 17.32 -18.99 18.69
N VAL A 2 16.02 -19.11 18.97
CA VAL A 2 15.04 -18.10 18.56
C VAL A 2 14.96 -17.07 19.68
N GLN A 3 15.56 -15.90 19.45
CA GLN A 3 15.62 -14.87 20.46
C GLN A 3 15.39 -13.50 19.83
N LEU A 4 14.75 -12.62 20.58
CA LEU A 4 14.53 -11.23 20.19
C LEU A 4 15.10 -10.34 21.27
N VAL A 5 16.04 -9.47 20.91
CA VAL A 5 16.75 -8.62 21.86
C VAL A 5 16.53 -7.18 21.44
N GLU A 6 15.70 -6.45 22.18
CA GLU A 6 15.53 -5.03 21.98
C GLU A 6 16.48 -4.26 22.90
N SER A 7 16.91 -3.09 22.44
CA SER A 7 17.88 -2.28 23.16
C SER A 7 17.47 -0.83 23.09
N GLY A 8 18.29 0.04 23.70
CA GLY A 8 18.04 1.46 23.68
C GLY A 8 17.04 1.91 24.73
N GLY A 9 17.26 1.50 25.98
CA GLY A 9 16.37 1.86 27.05
C GLY A 9 16.74 3.15 27.74
N GLY A 10 16.70 4.27 27.01
CA GLY A 10 17.06 5.57 27.54
C GLY A 10 15.85 6.37 27.99
N VAL A 11 16.12 7.57 28.46
CA VAL A 11 15.10 8.49 28.93
C VAL A 11 14.87 9.57 27.87
N VAL A 12 13.64 10.08 27.81
CA VAL A 12 13.26 11.08 26.82
C VAL A 12 12.16 11.95 27.40
N GLN A 13 12.22 13.25 27.13
CA GLN A 13 11.23 14.18 27.63
C GLN A 13 9.97 14.13 26.78
N PRO A 14 8.82 14.52 27.35
CA PRO A 14 7.58 14.52 26.57
C PRO A 14 7.65 15.45 25.37
N GLY A 15 6.86 15.13 24.35
CA GLY A 15 6.86 15.88 23.12
C GLY A 15 7.97 15.54 22.14
N ARG A 16 9.02 14.87 22.61
CA ARG A 16 10.14 14.51 21.75
C ARG A 16 9.92 13.13 21.12
N SER A 17 10.64 12.86 20.04
CA SER A 17 10.52 11.62 19.31
C SER A 17 11.48 10.57 19.85
N LEU A 18 11.13 9.30 19.63
CA LEU A 18 11.96 8.18 20.06
C LEU A 18 11.76 7.04 19.08
N ARG A 19 12.84 6.27 18.88
CA ARG A 19 12.87 5.17 17.92
C ARG A 19 13.32 3.90 18.63
N LEU A 20 12.46 2.90 18.67
CA LEU A 20 12.77 1.64 19.30
C LEU A 20 13.44 0.69 18.31
N SER A 21 14.32 -0.16 18.84
CA SER A 21 15.08 -1.11 18.03
C SER A 21 14.92 -2.51 18.62
N CYS A 22 14.67 -3.49 17.76
CA CYS A 22 14.53 -4.88 18.17
C CYS A 22 15.30 -5.77 17.20
N ALA A 23 16.27 -6.51 17.72
CA ALA A 23 17.09 -7.41 16.91
C ALA A 23 16.52 -8.82 16.93
N ALA A 24 16.85 -9.58 15.88
CA ALA A 24 16.38 -10.95 15.73
C ALA A 24 17.51 -11.83 15.23
N SER A 25 17.41 -13.12 15.54
CA SER A 25 18.41 -14.10 15.12
C SER A 25 17.85 -15.50 15.36
N GLY A 26 18.39 -16.46 14.62
CA GLY A 26 18.05 -17.85 14.80
C GLY A 26 16.81 -18.34 14.07
N PHE A 27 16.27 -17.54 13.15
CA PHE A 27 15.10 -17.96 12.39
C PHE A 27 14.97 -17.07 11.17
N ALA A 28 14.25 -17.59 10.17
CA ALA A 28 13.98 -16.83 8.95
C ALA A 28 13.13 -15.60 9.27
N PHE A 29 13.78 -14.44 9.39
CA PHE A 29 13.07 -13.23 9.76
C PHE A 29 12.12 -12.75 8.67
N ASN A 30 12.42 -13.05 7.41
CA ASN A 30 11.63 -12.45 6.34
C ASN A 30 10.49 -13.38 5.97
N ASN A 31 10.03 -14.13 6.97
CA ASN A 31 8.93 -15.05 6.78
C ASN A 31 7.88 -14.95 7.88
N PHE A 32 8.12 -14.16 8.92
CA PHE A 32 7.19 -14.03 10.03
C PHE A 32 6.76 -12.57 10.19
N ALA A 33 5.68 -12.38 10.93
CA ALA A 33 5.21 -11.05 11.29
C ALA A 33 5.71 -10.68 12.68
N MET A 34 5.76 -9.37 12.93
CA MET A 34 6.31 -8.84 14.17
C MET A 34 5.29 -7.96 14.86
N HIS A 35 5.22 -8.08 16.18
CA HIS A 35 4.30 -7.31 17.01
C HIS A 35 5.06 -6.38 17.95
N TRP A 36 4.36 -5.34 18.40
CA TRP A 36 4.82 -4.49 19.48
C TRP A 36 3.74 -4.48 20.56
N VAL A 37 4.14 -4.79 21.79
CA VAL A 37 3.22 -4.84 22.93
C VAL A 37 3.88 -4.13 24.09
N ARG A 38 3.19 -3.12 24.63
CA ARG A 38 3.68 -2.38 25.78
C ARG A 38 2.87 -2.74 27.02
N GLN A 39 3.45 -2.46 28.18
CA GLN A 39 2.82 -2.77 29.46
C GLN A 39 3.15 -1.66 30.45
N ALA A 40 2.13 -0.92 30.85
CA ALA A 40 2.27 0.12 31.85
C ALA A 40 2.71 -0.47 33.19
N PRO A 41 3.40 0.32 34.01
CA PRO A 41 3.84 -0.17 35.32
C PRO A 41 2.66 -0.58 36.19
N GLY A 42 2.61 -1.88 36.52
CA GLY A 42 1.52 -2.45 37.31
C GLY A 42 0.27 -2.80 36.52
N LYS A 43 -0.04 -2.04 35.49
CA LYS A 43 -1.23 -2.27 34.68
C LYS A 43 -0.99 -3.42 33.72
N GLY A 44 -2.04 -3.80 32.99
CA GLY A 44 -1.98 -4.94 32.10
C GLY A 44 -1.30 -4.64 30.78
N LEU A 45 -1.40 -5.60 29.87
CA LEU A 45 -0.78 -5.49 28.57
C LEU A 45 -1.65 -4.64 27.63
N GLU A 46 -1.01 -4.12 26.59
CA GLU A 46 -1.70 -3.28 25.62
C GLU A 46 -1.07 -3.47 24.25
N TRP A 47 -1.88 -3.85 23.27
CA TRP A 47 -1.38 -4.08 21.92
C TRP A 47 -1.08 -2.74 21.24
N VAL A 48 0.01 -2.70 20.50
CA VAL A 48 0.47 -1.46 19.87
C VAL A 48 0.36 -1.54 18.35
N ALA A 49 1.23 -2.32 17.71
CA ALA A 49 1.27 -2.33 16.26
C ALA A 49 1.80 -3.67 15.77
N VAL A 50 1.55 -3.94 14.49
CA VAL A 50 1.99 -5.17 13.83
C VAL A 50 2.42 -4.83 12.40
N VAL A 51 3.51 -5.45 11.95
CA VAL A 51 3.99 -5.32 10.58
C VAL A 51 4.07 -6.71 9.97
N SER A 52 3.67 -6.81 8.70
CA SER A 52 3.64 -8.10 8.00
C SER A 52 5.03 -8.62 7.70
N TYR A 53 5.13 -9.57 6.77
CA TYR A 53 6.42 -10.21 6.50
C TYR A 53 7.39 -9.26 5.82
N ASP A 54 6.90 -8.34 5.00
CA ASP A 54 7.76 -7.45 4.22
C ASP A 54 7.55 -5.97 4.57
N GLY A 55 6.83 -5.67 5.65
CA GLY A 55 6.62 -4.30 6.03
C GLY A 55 5.67 -3.52 5.14
N THR A 56 4.94 -4.19 4.25
CA THR A 56 4.03 -3.47 3.36
C THR A 56 2.76 -3.04 4.07
N SER A 57 2.11 -3.98 4.76
CA SER A 57 0.83 -3.69 5.43
C SER A 57 1.01 -3.64 6.93
N PRO A 58 1.01 -2.45 7.54
CA PRO A 58 1.05 -2.38 9.01
C PRO A 58 -0.33 -2.22 9.62
N TYR A 59 -0.45 -2.43 10.93
CA TYR A 59 -1.70 -2.25 11.65
C TYR A 59 -1.40 -1.64 13.01
N TYR A 60 -2.13 -0.59 13.36
CA TYR A 60 -1.91 0.13 14.60
C TYR A 60 -3.16 0.05 15.48
N ALA A 61 -2.96 0.30 16.77
CA ALA A 61 -4.08 0.34 17.71
C ALA A 61 -4.76 1.70 17.68
N ASP A 62 -6.06 1.70 17.98
CA ASP A 62 -6.85 2.93 17.88
C ASP A 62 -6.32 4.00 18.83
N SER A 63 -5.86 3.60 20.02
CA SER A 63 -5.27 4.55 20.95
C SER A 63 -3.88 5.02 20.51
N VAL A 64 -3.38 4.53 19.39
CA VAL A 64 -2.03 4.84 18.93
C VAL A 64 -1.97 5.38 17.51
N LYS A 65 -2.97 5.11 16.67
CA LYS A 65 -2.89 5.47 15.25
C LYS A 65 -2.58 6.95 15.06
N GLY A 66 -1.64 7.23 14.16
CA GLY A 66 -1.24 8.59 13.85
C GLY A 66 0.03 9.01 14.56
N ARG A 67 0.28 8.48 15.76
CA ARG A 67 1.43 8.89 16.54
C ARG A 67 2.64 8.00 16.29
N PHE A 68 2.43 6.69 16.28
CA PHE A 68 3.52 5.74 16.11
C PHE A 68 3.51 5.18 14.69
N THR A 69 4.69 4.83 14.19
CA THR A 69 4.84 4.17 12.91
C THR A 69 5.84 3.04 13.06
N ILE A 70 5.45 1.84 12.60
CA ILE A 70 6.27 0.63 12.75
C ILE A 70 6.80 0.24 11.37
N SER A 71 8.08 -0.13 11.34
CA SER A 71 8.75 -0.48 10.09
C SER A 71 9.59 -1.74 10.31
N ARG A 72 10.13 -2.27 9.20
CA ARG A 72 10.90 -3.49 9.22
C ARG A 72 12.00 -3.41 8.17
N ASP A 73 13.15 -4.02 8.49
CA ASP A 73 14.28 -4.11 7.57
C ASP A 73 14.73 -5.56 7.53
N ASN A 74 14.39 -6.26 6.43
CA ASN A 74 14.73 -7.68 6.32
C ASN A 74 16.22 -7.88 6.08
N SER A 75 16.90 -6.90 5.47
CA SER A 75 18.32 -7.02 5.23
C SER A 75 19.15 -6.97 6.51
N LYS A 76 18.56 -6.54 7.62
CA LYS A 76 19.26 -6.47 8.90
C LYS A 76 18.60 -7.31 9.99
N ASN A 77 17.48 -7.97 9.69
CA ASN A 77 16.73 -8.75 10.68
C ASN A 77 16.41 -7.91 11.92
N THR A 78 15.85 -6.73 11.68
CA THR A 78 15.61 -5.75 12.73
C THR A 78 14.21 -5.18 12.60
N LEU A 79 13.56 -4.94 13.74
CA LEU A 79 12.23 -4.34 13.80
C LEU A 79 12.34 -2.99 14.52
N TYR A 80 11.58 -2.02 14.03
CA TYR A 80 11.62 -0.67 14.58
C TYR A 80 10.21 -0.21 14.95
N LEU A 81 10.15 0.82 15.79
CA LEU A 81 8.88 1.43 16.18
C LEU A 81 9.15 2.90 16.46
N GLN A 82 8.78 3.75 15.51
CA GLN A 82 8.94 5.19 15.68
C GLN A 82 7.84 5.74 16.57
N MET A 83 8.21 6.64 17.47
CA MET A 83 7.28 7.24 18.42
C MET A 83 7.45 8.76 18.40
N ASN A 84 6.37 9.47 18.08
CA ASN A 84 6.39 10.92 18.00
C ASN A 84 5.38 11.51 18.98
N SER A 85 5.68 12.71 19.47
CA SER A 85 4.83 13.43 20.42
C SER A 85 4.52 12.56 21.64
N LEU A 86 5.59 12.13 22.30
CA LEU A 86 5.45 11.25 23.46
C LEU A 86 4.78 11.98 24.61
N ARG A 87 3.81 11.33 25.24
CA ARG A 87 3.15 11.86 26.42
C ARG A 87 3.41 10.95 27.62
N ALA A 88 3.00 11.41 28.79
CA ALA A 88 3.33 10.70 30.03
C ALA A 88 2.76 9.28 30.05
N GLU A 89 1.64 9.06 29.36
CA GLU A 89 1.01 7.74 29.37
C GLU A 89 1.82 6.70 28.61
N ASP A 90 2.86 7.10 27.88
CA ASP A 90 3.68 6.17 27.11
C ASP A 90 4.71 5.44 27.96
N THR A 91 4.82 5.76 29.25
CA THR A 91 5.72 5.03 30.14
C THR A 91 5.30 3.57 30.24
N ALA A 92 6.05 2.67 29.59
CA ALA A 92 5.71 1.26 29.58
C ALA A 92 6.93 0.46 29.15
N VAL A 93 6.86 -0.84 29.38
CA VAL A 93 7.88 -1.78 28.92
C VAL A 93 7.42 -2.33 27.58
N TYR A 94 8.10 -1.95 26.50
CA TYR A 94 7.69 -2.31 25.15
C TYR A 94 8.32 -3.65 24.77
N TYR A 95 7.49 -4.67 24.62
CA TYR A 95 7.96 -5.99 24.24
C TYR A 95 7.98 -6.14 22.72
N CYS A 96 8.91 -6.97 22.25
CA CYS A 96 9.06 -7.27 20.84
C CYS A 96 8.68 -8.73 20.63
N ALA A 97 7.58 -8.98 19.92
CA ALA A 97 7.05 -10.32 19.77
C ALA A 97 6.89 -10.67 18.29
N ARG A 98 6.97 -11.96 18.01
CA ARG A 98 6.81 -12.49 16.66
C ARG A 98 5.34 -12.86 16.43
N GLY A 99 5.00 -13.06 15.15
CA GLY A 99 3.68 -13.52 14.81
C GLY A 99 3.58 -15.04 14.83
N LEU A 100 2.34 -15.52 14.87
CA LEU A 100 2.06 -16.96 14.91
C LEU A 100 1.51 -17.35 13.53
N GLY A 101 2.41 -17.73 12.63
CA GLY A 101 2.01 -18.15 11.30
C GLY A 101 3.01 -17.74 10.24
N SER A 102 3.93 -18.64 9.91
CA SER A 102 4.88 -18.38 8.84
C SER A 102 4.18 -18.37 7.49
N GLY A 103 4.66 -17.52 6.60
CA GLY A 103 4.11 -17.40 5.27
C GLY A 103 4.12 -15.95 4.80
N SER A 104 3.97 -15.78 3.49
CA SER A 104 3.98 -14.46 2.87
C SER A 104 2.60 -13.82 2.92
N TYR A 105 1.95 -13.89 4.07
CA TYR A 105 0.60 -13.39 4.24
C TYR A 105 0.61 -11.95 4.76
N SER A 106 -0.42 -11.18 4.40
CA SER A 106 -0.47 -9.75 4.66
C SER A 106 -1.60 -9.32 5.59
N TRP A 107 -2.51 -10.23 5.94
CA TRP A 107 -3.65 -9.87 6.78
C TRP A 107 -3.34 -10.13 8.24
N ILE A 108 -3.74 -9.19 9.10
CA ILE A 108 -3.43 -9.27 10.52
C ILE A 108 -4.10 -10.49 11.15
N GLY A 109 -5.23 -10.92 10.62
CA GLY A 109 -5.93 -12.08 11.17
C GLY A 109 -5.19 -13.39 11.02
N TYR A 110 -4.28 -13.47 10.05
CA TYR A 110 -3.50 -14.69 9.85
C TYR A 110 -2.34 -14.82 10.82
N PHE A 111 -2.03 -13.77 11.59
CA PHE A 111 -0.92 -13.82 12.54
C PHE A 111 -1.20 -12.91 13.73
N TYR A 112 -2.46 -12.90 14.20
CA TYR A 112 -2.84 -12.05 15.30
C TYR A 112 -2.14 -12.42 16.61
N ALA A 113 -1.67 -13.64 16.75
CA ALA A 113 -1.12 -14.13 18.00
C ALA A 113 0.39 -13.89 18.05
N MET A 114 0.98 -14.24 19.20
CA MET A 114 2.41 -14.07 19.43
C MET A 114 2.95 -15.32 20.10
N ASP A 115 4.07 -15.82 19.59
CA ASP A 115 4.67 -17.05 20.12
C ASP A 115 6.04 -16.83 20.73
N VAL A 116 6.89 -16.02 20.11
CA VAL A 116 8.24 -15.74 20.61
C VAL A 116 8.29 -14.28 21.02
N TRP A 117 8.65 -14.03 22.28
CA TRP A 117 8.70 -12.70 22.84
C TRP A 117 10.14 -12.29 23.15
N GLY A 118 10.38 -10.99 23.17
CA GLY A 118 11.66 -10.45 23.61
C GLY A 118 11.67 -10.24 25.10
N GLN A 119 12.71 -9.54 25.57
CA GLN A 119 12.84 -9.25 26.99
C GLN A 119 12.17 -7.93 27.36
N GLY A 120 12.15 -6.96 26.45
CA GLY A 120 11.52 -5.69 26.71
C GLY A 120 12.48 -4.64 27.23
N THR A 121 12.35 -3.41 26.75
CA THR A 121 13.16 -2.29 27.20
C THR A 121 12.25 -1.26 27.88
N THR A 122 12.66 -0.80 29.05
CA THR A 122 11.88 0.16 29.82
C THR A 122 11.98 1.54 29.18
N VAL A 123 10.87 2.04 28.65
CA VAL A 123 10.80 3.36 28.02
C VAL A 123 10.10 4.31 28.98
N THR A 124 10.82 5.33 29.43
CA THR A 124 10.34 6.26 30.43
C THR A 124 10.34 7.67 29.84
N VAL A 125 9.20 8.33 29.90
CA VAL A 125 9.06 9.72 29.47
C VAL A 125 8.80 10.55 30.70
N SER A 126 9.62 11.58 30.87
CA SER A 126 9.52 12.44 32.03
C SER A 126 10.33 13.70 31.79
N SER A 127 9.71 14.85 32.06
CA SER A 127 10.36 16.14 31.93
C SER A 127 10.92 16.65 33.24
N ALA A 128 10.96 15.82 34.28
CA ALA A 128 11.40 16.25 35.59
C ALA A 128 12.90 16.03 35.75
N SER A 129 13.59 17.01 36.31
CA SER A 129 15.01 16.88 36.62
C SER A 129 15.19 16.20 37.96
N THR A 130 16.44 15.94 38.33
CA THR A 130 16.74 15.30 39.60
C THR A 130 16.38 16.23 40.75
N LYS A 131 15.43 15.81 41.58
CA LYS A 131 14.93 16.63 42.68
C LYS A 131 14.95 15.82 43.97
N GLY A 132 15.27 16.49 45.08
CA GLY A 132 15.28 15.87 46.38
C GLY A 132 13.87 15.58 46.88
N PRO A 133 13.75 14.64 47.82
CA PRO A 133 12.43 14.27 48.32
C PRO A 133 11.89 15.22 49.38
N SER A 134 10.77 14.85 49.99
CA SER A 134 10.15 15.62 51.06
C SER A 134 9.41 14.66 51.97
N VAL A 135 9.85 14.54 53.22
CA VAL A 135 9.30 13.57 54.16
C VAL A 135 8.27 14.26 55.04
N PHE A 136 7.08 13.66 55.13
CA PHE A 136 6.00 14.16 55.97
C PHE A 136 5.59 13.08 56.95
N PRO A 137 5.45 13.40 58.24
CA PRO A 137 5.13 12.35 59.24
C PRO A 137 3.67 11.92 59.14
N LEU A 138 3.47 10.61 58.98
CA LEU A 138 2.13 10.02 59.00
C LEU A 138 1.85 9.55 60.42
N ALA A 139 1.36 10.47 61.25
CA ALA A 139 1.17 10.23 62.66
C ALA A 139 -0.07 9.38 62.94
N PRO A 140 -0.08 8.63 64.03
CA PRO A 140 -1.28 7.89 64.40
C PRO A 140 -2.32 8.79 65.06
N SER A 141 -3.59 8.43 64.87
CA SER A 141 -4.69 9.20 65.42
C SER A 141 -4.93 8.79 66.87
N SER A 142 -4.75 9.74 67.79
CA SER A 142 -4.81 9.44 69.22
C SER A 142 -6.11 8.76 69.61
N LYS A 143 -7.21 9.08 68.93
CA LYS A 143 -8.48 8.41 69.23
C LYS A 143 -8.48 6.98 68.76
N SER A 144 -7.93 6.71 67.57
CA SER A 144 -7.92 5.39 66.98
C SER A 144 -6.72 4.55 67.39
N THR A 145 -5.91 5.03 68.35
CA THR A 145 -4.73 4.29 68.77
C THR A 145 -5.06 3.22 69.81
N SER A 146 -5.96 3.53 70.75
CA SER A 146 -6.31 2.60 71.83
C SER A 146 -7.09 1.43 71.25
N GLY A 147 -6.34 0.47 70.68
CA GLY A 147 -6.93 -0.72 70.11
C GLY A 147 -5.99 -1.91 70.13
N GLY A 148 -4.77 -1.68 70.60
CA GLY A 148 -3.78 -2.73 70.67
C GLY A 148 -2.66 -2.56 69.65
N THR A 149 -2.99 -2.62 68.37
CA THR A 149 -2.03 -2.42 67.30
C THR A 149 -2.22 -1.03 66.70
N ALA A 150 -1.15 -0.24 66.68
CA ALA A 150 -1.17 1.11 66.14
C ALA A 150 -0.54 1.14 64.75
N ALA A 151 -0.76 2.25 64.05
CA ALA A 151 -0.27 2.42 62.69
C ALA A 151 0.31 3.81 62.53
N LEU A 152 1.55 3.88 62.07
CA LEU A 152 2.21 5.14 61.77
C LEU A 152 3.26 4.90 60.69
N GLY A 153 3.78 5.99 60.15
CA GLY A 153 4.78 5.87 59.11
C GLY A 153 5.23 7.23 58.62
N CYS A 154 5.94 7.21 57.50
CA CYS A 154 6.45 8.41 56.85
C CYS A 154 5.90 8.50 55.43
N LEU A 155 6.07 9.67 54.82
CA LEU A 155 5.53 9.94 53.48
C LEU A 155 6.61 10.66 52.67
N VAL A 156 7.24 9.94 51.76
CA VAL A 156 8.25 10.50 50.87
C VAL A 156 7.54 10.99 49.62
N LYS A 157 7.47 12.30 49.42
CA LYS A 157 6.64 12.88 48.38
C LYS A 157 7.48 13.71 47.42
N ASP A 158 7.19 13.59 46.12
CA ASP A 158 7.80 14.42 45.09
C ASP A 158 9.32 14.31 45.07
N TYR A 159 9.82 13.19 44.55
CA TYR A 159 11.25 12.99 44.37
C TYR A 159 11.52 12.39 43.01
N PHE A 160 12.76 12.57 42.55
CA PHE A 160 13.17 12.03 41.26
C PHE A 160 14.68 12.00 41.18
N PRO A 161 15.29 10.93 40.65
CA PRO A 161 14.59 9.73 40.17
C PRO A 161 14.39 8.67 41.25
N GLU A 162 14.39 7.42 40.83
CA GLU A 162 14.29 6.23 41.66
C GLU A 162 15.64 5.55 41.78
N PRO A 163 15.90 4.83 42.88
CA PRO A 163 15.02 4.58 44.02
C PRO A 163 15.37 5.39 45.27
N VAL A 164 14.60 5.19 46.33
CA VAL A 164 14.85 5.80 47.63
C VAL A 164 14.71 4.73 48.70
N THR A 165 15.62 4.77 49.68
CA THR A 165 15.64 3.80 50.76
C THR A 165 15.11 4.43 52.05
N VAL A 166 14.44 3.62 52.85
CA VAL A 166 13.83 4.06 54.10
C VAL A 166 14.06 3.00 55.16
N SER A 167 14.69 3.38 56.26
CA SER A 167 14.85 2.53 57.43
C SER A 167 14.22 3.22 58.63
N TRP A 168 14.12 2.49 59.74
CA TRP A 168 13.48 2.99 60.94
C TRP A 168 14.43 2.88 62.12
N ASN A 169 14.57 3.97 62.87
CA ASN A 169 15.45 4.03 64.04
C ASN A 169 16.88 3.62 63.67
N SER A 170 17.36 4.15 62.54
CA SER A 170 18.70 3.85 62.02
C SER A 170 18.90 2.36 61.78
N GLY A 171 17.83 1.64 61.50
CA GLY A 171 17.89 0.22 61.23
C GLY A 171 17.63 -0.68 62.41
N ALA A 172 17.09 -0.16 63.51
CA ALA A 172 16.84 -0.96 64.71
C ALA A 172 15.47 -1.61 64.71
N LEU A 173 14.53 -1.11 63.93
CA LEU A 173 13.16 -1.61 63.92
C LEU A 173 12.87 -2.23 62.56
N THR A 174 12.74 -3.56 62.52
CA THR A 174 12.37 -4.27 61.31
C THR A 174 11.12 -5.13 61.48
N SER A 175 10.58 -5.24 62.69
CA SER A 175 9.40 -6.06 62.93
C SER A 175 8.14 -5.29 62.56
N GLY A 176 7.37 -5.83 61.62
CA GLY A 176 6.14 -5.19 61.20
C GLY A 176 6.35 -3.99 60.30
N VAL A 177 7.46 -3.93 59.58
CA VAL A 177 7.77 -2.82 58.69
C VAL A 177 7.51 -3.26 57.25
N HIS A 178 6.97 -2.35 56.45
CA HIS A 178 6.73 -2.63 55.04
C HIS A 178 6.82 -1.34 54.25
N THR A 179 7.84 -1.21 53.40
CA THR A 179 7.96 -0.10 52.48
C THR A 179 7.25 -0.46 51.18
N PHE A 180 6.34 0.41 50.75
CA PHE A 180 5.49 0.14 49.60
C PHE A 180 6.24 0.40 48.30
N PRO A 181 5.65 0.02 47.16
CA PRO A 181 6.21 0.44 45.87
C PRO A 181 5.95 1.92 45.61
N ALA A 182 6.84 2.52 44.83
CA ALA A 182 6.71 3.93 44.48
C ALA A 182 5.70 4.13 43.36
N VAL A 183 5.06 5.30 43.37
CA VAL A 183 4.07 5.65 42.36
C VAL A 183 4.47 6.98 41.74
N LEU A 184 4.32 7.08 40.42
CA LEU A 184 4.67 8.29 39.68
C LEU A 184 3.42 9.16 39.54
N GLN A 185 3.44 10.34 40.15
CA GLN A 185 2.29 11.23 40.12
C GLN A 185 2.18 11.92 38.75
N SER A 186 1.19 12.78 38.62
CA SER A 186 0.94 13.44 37.34
C SER A 186 2.05 14.43 36.98
N SER A 187 2.68 15.03 37.98
CA SER A 187 3.73 16.01 37.72
C SER A 187 5.00 15.37 37.17
N GLY A 188 5.15 14.05 37.29
CA GLY A 188 6.34 13.36 36.86
C GLY A 188 7.28 12.98 37.99
N LEU A 189 6.97 13.35 39.23
CA LEU A 189 7.77 13.01 40.38
C LEU A 189 7.17 11.81 41.11
N TYR A 190 8.05 10.99 41.68
CA TYR A 190 7.60 9.81 42.39
C TYR A 190 7.21 10.16 43.83
N SER A 191 6.34 9.33 44.41
CA SER A 191 5.89 9.48 45.79
C SER A 191 5.89 8.10 46.45
N LEU A 192 6.29 8.07 47.72
CA LEU A 192 6.44 6.80 48.42
C LEU A 192 6.05 6.99 49.88
N SER A 193 5.58 5.89 50.48
CA SER A 193 5.21 5.88 51.89
C SER A 193 5.53 4.53 52.49
N SER A 194 6.18 4.54 53.66
CA SER A 194 6.49 3.34 54.42
C SER A 194 5.89 3.46 55.81
N VAL A 195 5.38 2.35 56.33
CA VAL A 195 4.67 2.34 57.61
C VAL A 195 5.10 1.14 58.44
N VAL A 196 4.80 1.23 59.74
CA VAL A 196 5.13 0.18 60.70
C VAL A 196 3.91 -0.06 61.59
N THR A 197 3.83 -1.28 62.12
CA THR A 197 2.81 -1.63 63.11
C THR A 197 3.43 -1.54 64.50
N VAL A 198 2.86 -0.70 65.35
CA VAL A 198 3.45 -0.36 66.64
C VAL A 198 2.51 -0.76 67.76
N PRO A 199 3.01 -1.32 68.86
CA PRO A 199 2.16 -1.56 70.04
C PRO A 199 1.58 -0.25 70.56
N SER A 200 0.28 -0.25 70.82
CA SER A 200 -0.43 0.98 71.13
C SER A 200 0.02 1.58 72.47
N SER A 201 0.41 0.73 73.42
CA SER A 201 0.73 1.20 74.77
C SER A 201 2.09 1.89 74.86
N SER A 202 2.88 1.88 73.79
CA SER A 202 4.21 2.48 73.80
C SER A 202 4.35 3.61 72.79
N LEU A 203 3.24 4.29 72.47
CA LEU A 203 3.27 5.37 71.51
C LEU A 203 3.80 6.67 72.10
N GLY A 204 3.83 6.79 73.42
CA GLY A 204 4.37 7.99 74.04
C GLY A 204 5.74 7.76 74.65
N THR A 205 6.14 6.50 74.74
CA THR A 205 7.43 6.15 75.33
C THR A 205 8.54 6.04 74.30
N GLN A 206 8.22 5.62 73.07
CA GLN A 206 9.22 5.32 72.07
C GLN A 206 9.35 6.46 71.05
N THR A 207 10.54 6.58 70.50
CA THR A 207 10.84 7.52 69.42
C THR A 207 10.87 6.77 68.10
N TYR A 208 10.15 7.30 67.11
CA TYR A 208 10.03 6.68 65.80
C TYR A 208 10.50 7.67 64.74
N ILE A 209 11.66 7.40 64.16
CA ILE A 209 12.27 8.25 63.14
C ILE A 209 12.59 7.40 61.93
N CYS A 210 12.13 7.82 60.76
CA CYS A 210 12.45 7.13 59.51
C CYS A 210 13.69 7.77 58.87
N ASN A 211 14.63 6.93 58.47
CA ASN A 211 15.86 7.38 57.81
C ASN A 211 15.65 7.30 56.30
N VAL A 212 15.21 8.40 55.71
CA VAL A 212 14.98 8.47 54.27
C VAL A 212 16.26 8.91 53.59
N ASN A 213 16.76 8.09 52.67
CA ASN A 213 18.02 8.35 51.97
C ASN A 213 17.75 8.33 50.47
N HIS A 214 17.96 9.48 49.82
CA HIS A 214 17.81 9.64 48.38
C HIS A 214 19.19 9.86 47.80
N LYS A 215 19.88 8.76 47.51
CA LYS A 215 21.26 8.84 47.04
C LYS A 215 21.42 9.52 45.68
N PRO A 216 20.53 9.34 44.70
CA PRO A 216 20.71 10.05 43.42
C PRO A 216 20.80 11.57 43.57
N SER A 217 19.98 12.16 44.45
CA SER A 217 20.02 13.59 44.68
C SER A 217 20.88 13.97 45.87
N ASN A 218 21.55 13.00 46.51
CA ASN A 218 22.42 13.23 47.66
C ASN A 218 21.66 13.93 48.79
N THR A 219 20.53 13.36 49.17
CA THR A 219 19.67 13.92 50.21
C THR A 219 19.35 12.82 51.22
N LYS A 220 19.62 13.09 52.50
CA LYS A 220 19.34 12.17 53.58
C LYS A 220 18.66 12.95 54.70
N VAL A 221 17.36 12.76 54.85
CA VAL A 221 16.54 13.51 55.79
C VAL A 221 15.86 12.52 56.73
N ASP A 222 15.89 12.84 58.03
CA ASP A 222 15.22 12.05 59.05
C ASP A 222 14.06 12.87 59.63
N LYS A 223 12.89 12.27 59.69
CA LYS A 223 11.69 12.93 60.21
C LYS A 223 11.12 12.11 61.37
N ARG A 224 10.79 12.80 62.46
CA ARG A 224 10.30 12.15 63.66
C ARG A 224 8.77 12.09 63.62
N VAL A 225 8.21 10.89 63.80
CA VAL A 225 6.78 10.67 63.77
C VAL A 225 6.28 10.58 65.20
N GLU A 226 5.40 11.51 65.57
CA GLU A 226 4.86 11.59 66.92
C GLU A 226 3.36 11.86 66.85
N PRO A 227 2.60 11.41 67.84
CA PRO A 227 1.16 11.68 67.85
C PRO A 227 0.87 13.16 68.07
N LYS A 228 -0.42 13.50 67.96
CA LYS A 228 -0.88 14.88 68.09
C LYS A 228 -2.17 14.91 68.87
N SER A 229 -2.42 16.03 69.53
CA SER A 229 -3.63 16.22 70.31
C SER A 229 -4.65 17.08 69.54
N GLN B 1 -9.26 1.16 21.49
CA GLN B 1 -9.77 -0.22 21.45
C GLN B 1 -10.43 -0.60 22.78
N SER B 2 -11.65 -1.13 22.69
CA SER B 2 -12.37 -1.54 23.88
C SER B 2 -11.75 -2.82 24.44
N ALA B 3 -11.37 -2.77 25.72
CA ALA B 3 -10.72 -3.91 26.35
C ALA B 3 -11.68 -5.08 26.49
N LEU B 4 -11.13 -6.24 26.83
CA LEU B 4 -11.91 -7.45 27.06
C LEU B 4 -12.13 -7.65 28.55
N THR B 5 -13.34 -8.09 28.90
CA THR B 5 -13.75 -8.23 30.30
C THR B 5 -13.13 -9.51 30.88
N GLN B 6 -12.22 -9.34 31.84
CA GLN B 6 -11.62 -10.44 32.56
C GLN B 6 -11.81 -10.25 34.06
N PRO B 7 -12.06 -11.33 34.81
CA PRO B 7 -12.11 -11.20 36.28
C PRO B 7 -10.75 -10.81 36.84
N ALA B 8 -10.75 -9.88 37.78
CA ALA B 8 -9.50 -9.35 38.31
C ALA B 8 -8.74 -10.40 39.11
N SER B 9 -9.43 -11.09 40.02
CA SER B 9 -8.81 -12.07 40.89
C SER B 9 -9.47 -13.43 40.73
N VAL B 10 -8.65 -14.48 40.84
CA VAL B 10 -9.12 -15.86 40.79
C VAL B 10 -8.31 -16.67 41.79
N SER B 11 -8.98 -17.33 42.72
CA SER B 11 -8.33 -18.10 43.77
C SER B 11 -8.52 -19.59 43.53
N GLY B 12 -7.54 -20.37 43.98
CA GLY B 12 -7.59 -21.82 43.82
C GLY B 12 -6.58 -22.50 44.72
N SER B 13 -6.75 -23.81 44.86
CA SER B 13 -5.91 -24.66 45.69
C SER B 13 -5.27 -25.75 44.83
N PRO B 14 -4.09 -26.23 45.23
CA PRO B 14 -3.44 -27.31 44.45
C PRO B 14 -4.34 -28.53 44.32
N GLY B 15 -4.42 -29.05 43.09
CA GLY B 15 -5.24 -30.20 42.78
C GLY B 15 -6.61 -29.87 42.22
N GLN B 16 -7.06 -28.64 42.38
CA GLN B 16 -8.38 -28.23 41.91
C GLN B 16 -8.33 -27.79 40.45
N SER B 17 -9.50 -27.44 39.92
CA SER B 17 -9.64 -26.85 38.61
C SER B 17 -10.36 -25.51 38.73
N ILE B 18 -9.98 -24.56 37.86
CA ILE B 18 -10.55 -23.22 37.89
C ILE B 18 -10.65 -22.70 36.47
N THR B 19 -11.49 -21.69 36.28
CA THR B 19 -11.78 -21.14 34.96
C THR B 19 -11.67 -19.62 35.00
N ILE B 20 -11.13 -19.05 33.92
CA ILE B 20 -10.97 -17.62 33.78
C ILE B 20 -11.85 -17.14 32.62
N SER B 21 -12.60 -16.08 32.85
CA SER B 21 -13.51 -15.53 31.85
C SER B 21 -12.78 -14.53 30.94
N CYS B 22 -13.33 -14.35 29.75
CA CYS B 22 -12.81 -13.39 28.77
C CYS B 22 -13.98 -13.01 27.87
N THR B 23 -14.71 -11.97 28.27
CA THR B 23 -15.95 -11.56 27.60
C THR B 23 -15.67 -10.41 26.66
N GLY B 24 -16.15 -10.54 25.42
CA GLY B 24 -16.07 -9.52 24.41
C GLY B 24 -17.42 -9.28 23.77
N THR B 25 -17.39 -8.79 22.53
CA THR B 25 -18.58 -8.54 21.74
C THR B 25 -18.60 -9.49 20.54
N SER B 26 -19.57 -9.28 19.64
CA SER B 26 -19.69 -10.11 18.45
C SER B 26 -18.57 -9.83 17.45
N SER B 27 -17.86 -8.71 17.59
CA SER B 27 -16.77 -8.34 16.70
C SER B 27 -15.46 -9.00 17.12
N ASP B 28 -15.13 -8.96 18.40
CA ASP B 28 -13.85 -9.46 18.87
C ASP B 28 -13.91 -10.95 19.18
N VAL B 29 -14.49 -11.31 20.33
CA VAL B 29 -14.48 -12.69 20.78
C VAL B 29 -15.61 -13.47 20.13
N GLY B 30 -16.85 -13.10 20.43
CA GLY B 30 -18.00 -13.85 19.96
C GLY B 30 -18.28 -13.73 18.48
N GLY B 31 -17.25 -13.91 17.65
CA GLY B 31 -17.41 -13.83 16.22
C GLY B 31 -16.33 -14.55 15.44
N TYR B 32 -15.18 -14.76 16.07
CA TYR B 32 -14.04 -15.40 15.42
C TYR B 32 -13.40 -16.42 16.36
N VAL B 33 -12.71 -17.38 15.75
CA VAL B 33 -11.93 -18.35 16.52
C VAL B 33 -10.63 -17.73 17.02
N TYR B 34 -10.20 -16.61 16.44
CA TYR B 34 -8.91 -16.00 16.75
C TYR B 34 -8.94 -15.40 18.16
N VAL B 35 -8.72 -16.25 19.15
CA VAL B 35 -8.62 -15.84 20.55
C VAL B 35 -7.52 -16.67 21.20
N SER B 36 -6.56 -15.99 21.84
CA SER B 36 -5.43 -16.68 22.45
C SER B 36 -5.31 -16.30 23.93
N TRP B 37 -4.59 -17.13 24.67
CA TRP B 37 -4.35 -16.93 26.09
C TRP B 37 -2.85 -16.86 26.35
N TYR B 38 -2.47 -16.05 27.34
CA TYR B 38 -1.07 -15.83 27.66
C TYR B 38 -0.88 -15.84 29.18
N GLN B 39 0.17 -16.53 29.62
CA GLN B 39 0.58 -16.53 31.02
C GLN B 39 1.84 -15.67 31.16
N GLN B 40 1.83 -14.77 32.14
CA GLN B 40 2.94 -13.84 32.37
C GLN B 40 3.39 -13.96 33.81
N HIS B 41 4.60 -14.47 34.01
CA HIS B 41 5.19 -14.45 35.34
C HIS B 41 5.81 -13.09 35.61
N PRO B 42 5.72 -12.58 36.85
CA PRO B 42 6.27 -11.25 37.14
C PRO B 42 7.77 -11.21 36.91
N GLY B 43 8.20 -10.27 36.08
CA GLY B 43 9.60 -10.14 35.73
C GLY B 43 9.91 -10.65 34.33
N LYS B 44 9.44 -11.86 34.02
CA LYS B 44 9.65 -12.47 32.72
C LYS B 44 8.54 -12.07 31.74
N ALA B 45 8.86 -12.16 30.45
CA ALA B 45 7.92 -11.83 29.40
C ALA B 45 6.76 -12.83 29.37
N PRO B 46 5.63 -12.45 28.76
CA PRO B 46 4.51 -13.39 28.65
C PRO B 46 4.87 -14.62 27.83
N LYS B 47 4.10 -15.68 28.03
CA LYS B 47 4.29 -16.96 27.36
C LYS B 47 2.97 -17.46 26.82
N LEU B 48 2.97 -17.92 25.58
CA LEU B 48 1.75 -18.39 24.93
C LEU B 48 1.34 -19.74 25.49
N MET B 49 0.09 -19.83 25.95
CA MET B 49 -0.45 -21.05 26.52
C MET B 49 -1.47 -21.72 25.60
N ILE B 50 -2.45 -20.96 25.11
CA ILE B 50 -3.47 -21.48 24.21
C ILE B 50 -3.57 -20.55 23.01
N TYR B 51 -3.33 -21.08 21.82
CA TYR B 51 -3.53 -20.35 20.58
C TYR B 51 -4.79 -20.88 19.91
N ASP B 52 -5.58 -19.96 19.35
CA ASP B 52 -6.96 -20.25 18.96
C ASP B 52 -7.75 -20.70 20.19
N VAL B 53 -8.96 -21.23 19.99
CA VAL B 53 -9.86 -21.48 21.11
C VAL B 53 -9.26 -22.50 22.08
N SER B 54 -8.76 -23.61 21.54
CA SER B 54 -8.29 -24.69 22.40
C SER B 54 -6.92 -25.24 22.05
N ASN B 55 -6.34 -24.90 20.91
CA ASN B 55 -5.05 -25.48 20.52
C ASN B 55 -3.93 -24.95 21.41
N ARG B 56 -2.96 -25.81 21.69
CA ARG B 56 -1.83 -25.45 22.53
C ARG B 56 -0.53 -25.90 21.86
N PRO B 57 0.55 -25.15 22.05
CA PRO B 57 1.83 -25.51 21.44
C PRO B 57 2.52 -26.60 22.25
N SER B 58 3.67 -27.03 21.74
CA SER B 58 4.48 -28.03 22.44
C SER B 58 5.19 -27.40 23.63
N GLY B 59 5.16 -28.09 24.76
CA GLY B 59 5.76 -27.57 25.98
C GLY B 59 4.76 -27.43 27.10
N VAL B 60 3.62 -26.79 26.81
CA VAL B 60 2.58 -26.65 27.81
C VAL B 60 1.90 -27.99 28.04
N SER B 61 1.38 -28.18 29.26
CA SER B 61 0.89 -29.49 29.67
C SER B 61 -0.55 -29.70 29.23
N ASN B 62 -1.06 -30.90 29.52
CA ASN B 62 -2.46 -31.21 29.28
C ASN B 62 -3.39 -30.54 30.29
N ARG B 63 -2.85 -29.87 31.30
CA ARG B 63 -3.67 -29.23 32.31
C ARG B 63 -4.28 -27.92 31.84
N PHE B 64 -3.74 -27.32 30.78
CA PHE B 64 -4.29 -26.08 30.23
C PHE B 64 -5.23 -26.43 29.08
N SER B 65 -6.47 -25.98 29.17
CA SER B 65 -7.47 -26.23 28.15
C SER B 65 -8.26 -24.95 27.88
N GLY B 66 -8.66 -24.77 26.64
CA GLY B 66 -9.40 -23.59 26.23
C GLY B 66 -10.76 -23.96 25.66
N SER B 67 -11.70 -23.03 25.79
CA SER B 67 -13.05 -23.21 25.28
C SER B 67 -13.67 -21.85 25.01
N LYS B 68 -14.84 -21.86 24.38
CA LYS B 68 -15.53 -20.63 24.01
C LYS B 68 -17.01 -20.92 23.84
N SER B 69 -17.85 -20.09 24.44
CA SER B 69 -19.30 -20.19 24.29
C SER B 69 -19.89 -18.79 24.29
N GLY B 70 -20.61 -18.45 23.22
CA GLY B 70 -21.17 -17.12 23.11
C GLY B 70 -20.07 -16.09 22.89
N ASN B 71 -20.06 -15.05 23.72
CA ASN B 71 -19.06 -14.00 23.64
C ASN B 71 -18.00 -14.11 24.73
N THR B 72 -17.84 -15.30 25.31
CA THR B 72 -16.93 -15.50 26.43
C THR B 72 -16.05 -16.71 26.15
N ALA B 73 -14.73 -16.51 26.19
CA ALA B 73 -13.76 -17.58 26.10
C ALA B 73 -13.31 -17.97 27.50
N SER B 74 -13.05 -19.26 27.70
CA SER B 74 -12.75 -19.80 29.02
C SER B 74 -11.46 -20.57 28.98
N LEU B 75 -10.57 -20.27 29.93
CA LEU B 75 -9.32 -21.00 30.12
C LEU B 75 -9.42 -21.82 31.41
N THR B 76 -9.16 -23.11 31.32
CA THR B 76 -9.28 -24.03 32.45
C THR B 76 -7.93 -24.64 32.78
N ILE B 77 -7.56 -24.57 34.05
CA ILE B 77 -6.32 -25.17 34.55
C ILE B 77 -6.71 -26.29 35.50
N SER B 78 -6.51 -27.53 35.09
CA SER B 78 -6.86 -28.69 35.89
C SER B 78 -5.66 -29.11 36.73
N GLY B 79 -5.90 -29.38 38.01
CA GLY B 79 -4.84 -29.75 38.92
C GLY B 79 -3.82 -28.64 39.10
N LEU B 80 -4.15 -27.67 39.95
CA LEU B 80 -3.29 -26.50 40.12
C LEU B 80 -1.96 -26.88 40.76
N GLN B 81 -0.93 -26.08 40.45
CA GLN B 81 0.37 -26.21 41.06
C GLN B 81 0.87 -24.83 41.44
N ALA B 82 1.90 -24.80 42.28
CA ALA B 82 2.50 -23.52 42.68
C ALA B 82 3.12 -22.78 41.51
N GLU B 83 3.49 -23.50 40.45
CA GLU B 83 4.08 -22.88 39.27
C GLU B 83 3.05 -22.15 38.42
N ASP B 84 1.75 -22.29 38.72
CA ASP B 84 0.70 -21.66 37.94
C ASP B 84 0.32 -20.28 38.44
N GLU B 85 0.79 -19.88 39.62
CA GLU B 85 0.44 -18.58 40.20
C GLU B 85 1.11 -17.48 39.37
N ALA B 86 0.35 -16.90 38.45
CA ALA B 86 0.85 -15.84 37.58
C ALA B 86 -0.35 -15.10 36.99
N ASP B 87 -0.07 -14.04 36.25
CA ASP B 87 -1.13 -13.28 35.58
C ASP B 87 -1.45 -13.92 34.24
N TYR B 88 -2.73 -13.90 33.88
CA TYR B 88 -3.22 -14.50 32.65
C TYR B 88 -4.01 -13.46 31.85
N TYR B 89 -3.68 -13.34 30.56
CA TYR B 89 -4.34 -12.41 29.66
C TYR B 89 -4.94 -13.17 28.49
N CYS B 90 -5.92 -12.55 27.84
CA CYS B 90 -6.55 -13.11 26.64
C CYS B 90 -6.53 -12.07 25.54
N ILE B 91 -6.16 -12.48 24.33
CA ILE B 91 -6.17 -11.62 23.17
C ILE B 91 -7.25 -12.08 22.22
N SER B 92 -7.54 -11.25 21.22
CA SER B 92 -8.56 -11.60 20.23
C SER B 92 -8.44 -10.66 19.04
N TYR B 93 -8.68 -11.19 17.85
CA TYR B 93 -8.88 -10.35 16.67
C TYR B 93 -10.16 -9.54 16.86
N THR B 94 -10.11 -8.27 16.46
CA THR B 94 -11.13 -7.31 16.84
C THR B 94 -12.11 -6.97 15.73
N ASP B 95 -12.03 -7.62 14.56
CA ASP B 95 -12.90 -7.36 13.41
C ASP B 95 -12.59 -6.02 12.77
N ARG B 96 -12.02 -5.09 13.54
CA ARG B 96 -11.56 -3.80 13.01
C ARG B 96 -10.10 -3.85 12.57
N ASN B 97 -9.58 -5.03 12.26
CA ASN B 97 -8.21 -5.25 11.77
C ASN B 97 -7.15 -4.83 12.79
N THR B 98 -7.42 -4.97 14.07
CA THR B 98 -6.41 -4.80 15.11
C THR B 98 -6.51 -5.96 16.09
N VAL B 99 -5.68 -5.92 17.13
CA VAL B 99 -5.69 -6.92 18.19
C VAL B 99 -5.87 -6.20 19.51
N VAL B 100 -6.72 -6.76 20.39
CA VAL B 100 -7.00 -6.15 21.68
C VAL B 100 -6.71 -7.16 22.78
N PHE B 101 -6.25 -6.65 23.91
CA PHE B 101 -5.94 -7.47 25.08
C PHE B 101 -7.06 -7.39 26.11
N GLY B 102 -6.96 -8.25 27.12
CA GLY B 102 -7.91 -8.27 28.21
C GLY B 102 -7.41 -7.47 29.41
N GLY B 103 -8.27 -7.41 30.43
CA GLY B 103 -7.93 -6.67 31.63
C GLY B 103 -6.85 -7.32 32.45
N GLY B 104 -6.81 -8.65 32.45
CA GLY B 104 -5.80 -9.37 33.20
C GLY B 104 -6.42 -10.04 34.42
N THR B 105 -5.90 -11.22 34.76
CA THR B 105 -6.39 -11.99 35.89
C THR B 105 -5.20 -12.50 36.69
N LYS B 106 -5.18 -12.21 37.99
CA LYS B 106 -4.11 -12.67 38.87
C LYS B 106 -4.59 -13.94 39.56
N LEU B 107 -4.10 -15.09 39.08
CA LEU B 107 -4.41 -16.38 39.67
C LEU B 107 -3.43 -16.65 40.82
N THR B 108 -3.97 -16.92 42.00
CA THR B 108 -3.17 -17.21 43.19
C THR B 108 -3.55 -18.59 43.71
N VAL B 109 -2.55 -19.44 43.88
CA VAL B 109 -2.73 -20.75 44.51
C VAL B 109 -2.67 -20.56 46.02
N LEU B 110 -3.72 -20.99 46.72
CA LEU B 110 -3.86 -20.73 48.16
C LEU B 110 -2.85 -21.52 48.96
N GLY B 111 -1.84 -20.84 49.50
CA GLY B 111 -0.85 -21.46 50.36
C GLY B 111 -1.01 -20.82 51.73
N GLN B 112 -2.15 -20.16 51.90
CA GLN B 112 -2.46 -19.48 53.15
C GLN B 112 -3.97 -19.50 53.35
N PRO B 113 -4.44 -19.03 54.50
CA PRO B 113 -5.87 -18.81 54.71
C PRO B 113 -6.29 -17.43 54.21
N LYS B 114 -7.62 -17.25 54.04
CA LYS B 114 -8.16 -15.95 53.60
C LYS B 114 -7.90 -14.88 54.68
N ALA B 115 -7.16 -13.84 54.32
CA ALA B 115 -6.78 -12.79 55.25
C ALA B 115 -7.63 -11.55 54.97
N ALA B 116 -8.37 -11.08 55.99
CA ALA B 116 -9.17 -9.88 55.82
C ALA B 116 -8.27 -8.65 55.86
N PRO B 117 -8.50 -7.67 54.98
CA PRO B 117 -7.60 -6.52 54.93
C PRO B 117 -7.84 -5.57 56.09
N SER B 118 -6.75 -5.05 56.64
CA SER B 118 -6.78 -4.01 57.66
C SER B 118 -6.34 -2.69 57.03
N VAL B 119 -7.20 -1.69 57.11
CA VAL B 119 -6.97 -0.41 56.43
C VAL B 119 -6.87 0.70 57.46
N THR B 120 -6.19 1.78 57.06
CA THR B 120 -5.98 2.93 57.92
C THR B 120 -5.92 4.18 57.06
N LEU B 121 -6.68 5.21 57.45
CA LEU B 121 -6.71 6.48 56.75
C LEU B 121 -5.84 7.50 57.47
N PHE B 122 -5.11 8.29 56.70
CA PHE B 122 -4.21 9.31 57.24
C PHE B 122 -4.59 10.69 56.73
N PRO B 123 -5.09 11.58 57.58
CA PRO B 123 -5.36 12.95 57.14
C PRO B 123 -4.08 13.68 56.82
N PRO B 124 -4.14 14.82 56.12
CA PRO B 124 -2.93 15.60 55.85
C PRO B 124 -2.29 16.05 57.16
N SER B 125 -0.99 15.81 57.29
CA SER B 125 -0.27 16.16 58.50
C SER B 125 -0.25 17.67 58.70
N SER B 126 0.02 18.08 59.94
CA SER B 126 0.09 19.50 60.26
C SER B 126 1.23 20.20 59.53
N GLU B 127 2.24 19.45 59.11
CA GLU B 127 3.35 20.03 58.36
C GLU B 127 3.09 20.07 56.87
N GLU B 128 2.28 19.16 56.33
CA GLU B 128 2.00 19.15 54.91
C GLU B 128 1.07 20.29 54.50
N LEU B 129 0.18 20.71 55.40
CA LEU B 129 -0.71 21.82 55.08
C LEU B 129 0.05 23.14 54.95
N GLN B 130 1.23 23.25 55.59
CA GLN B 130 2.03 24.46 55.48
C GLN B 130 2.74 24.58 54.14
N ALA B 131 2.66 23.57 53.29
CA ALA B 131 3.26 23.59 51.96
C ALA B 131 2.24 23.78 50.86
N ASN B 132 1.04 24.26 51.21
CA ASN B 132 -0.02 24.48 50.23
C ASN B 132 -0.38 23.19 49.50
N LYS B 133 -0.20 22.06 50.17
CA LYS B 133 -0.51 20.76 49.61
C LYS B 133 -1.23 19.91 50.65
N ALA B 134 -1.84 18.83 50.17
CA ALA B 134 -2.55 17.90 51.04
C ALA B 134 -2.61 16.55 50.34
N THR B 135 -2.46 15.48 51.12
CA THR B 135 -2.44 14.13 50.58
C THR B 135 -3.04 13.17 51.61
N LEU B 136 -4.17 12.58 51.28
CA LEU B 136 -4.78 11.53 52.09
C LEU B 136 -4.18 10.19 51.74
N VAL B 137 -3.65 9.49 52.74
CA VAL B 137 -2.96 8.22 52.55
C VAL B 137 -3.83 7.11 53.13
N CYS B 138 -4.25 6.19 52.27
CA CYS B 138 -5.02 5.01 52.67
C CYS B 138 -4.15 3.78 52.41
N LEU B 139 -3.91 3.01 53.46
CA LEU B 139 -2.96 1.90 53.43
C LEU B 139 -3.67 0.59 53.77
N ILE B 140 -3.68 -0.33 52.83
CA ILE B 140 -4.26 -1.66 53.01
C ILE B 140 -3.14 -2.64 53.27
N SER B 141 -3.30 -3.48 54.29
CA SER B 141 -2.22 -4.38 54.68
C SER B 141 -2.80 -5.66 55.27
N ASP B 142 -1.98 -6.71 55.26
CA ASP B 142 -2.32 -8.00 55.86
C ASP B 142 -3.59 -8.59 55.26
N PHE B 143 -3.61 -8.72 53.93
CA PHE B 143 -4.71 -9.36 53.23
C PHE B 143 -4.16 -10.43 52.30
N TYR B 144 -5.06 -11.30 51.83
CA TYR B 144 -4.70 -12.42 50.97
C TYR B 144 -5.94 -12.90 50.21
N PRO B 145 -5.85 -13.10 48.89
CA PRO B 145 -4.65 -12.92 48.08
C PRO B 145 -4.39 -11.46 47.70
N GLY B 146 -3.40 -11.23 46.84
CA GLY B 146 -3.01 -9.88 46.48
C GLY B 146 -3.85 -9.25 45.38
N ALA B 147 -5.09 -8.87 45.71
CA ALA B 147 -5.98 -8.23 44.75
C ALA B 147 -7.05 -7.48 45.53
N VAL B 148 -6.97 -6.16 45.53
CA VAL B 148 -7.94 -5.31 46.20
C VAL B 148 -8.32 -4.16 45.27
N THR B 149 -9.52 -3.64 45.46
CA THR B 149 -10.02 -2.49 44.72
C THR B 149 -10.30 -1.35 45.69
N VAL B 150 -9.78 -0.17 45.39
CA VAL B 150 -9.86 0.98 46.28
C VAL B 150 -10.84 1.99 45.67
N ALA B 151 -11.64 2.61 46.54
CA ALA B 151 -12.60 3.63 46.13
C ALA B 151 -12.61 4.75 47.16
N TRP B 152 -12.58 5.99 46.69
CA TRP B 152 -12.59 7.16 47.55
C TRP B 152 -13.94 7.86 47.47
N LYS B 153 -14.34 8.49 48.58
CA LYS B 153 -15.61 9.18 48.68
C LYS B 153 -15.45 10.45 49.49
N ALA B 154 -15.97 11.56 48.98
CA ALA B 154 -16.09 12.80 49.72
C ALA B 154 -17.55 12.96 50.15
N ASP B 155 -17.77 13.08 51.46
CA ASP B 155 -19.11 13.07 52.04
C ASP B 155 -19.84 11.80 51.62
N SER B 156 -20.58 11.86 50.51
CA SER B 156 -21.24 10.70 49.94
C SER B 156 -20.98 10.52 48.45
N SER B 157 -20.39 11.50 47.77
CA SER B 157 -20.09 11.43 46.35
C SER B 157 -18.67 10.91 46.13
N PRO B 158 -18.51 9.98 45.20
CA PRO B 158 -17.18 9.40 44.95
C PRO B 158 -16.23 10.43 44.35
N VAL B 159 -14.93 10.13 44.48
CA VAL B 159 -13.86 10.98 43.98
C VAL B 159 -12.93 10.12 43.13
N LYS B 160 -12.53 10.65 41.97
CA LYS B 160 -11.62 9.95 41.08
C LYS B 160 -10.46 10.81 40.60
N ALA B 161 -10.36 12.06 41.05
CA ALA B 161 -9.33 12.98 40.59
C ALA B 161 -8.15 12.97 41.55
N GLY B 162 -6.94 12.91 40.99
CA GLY B 162 -5.73 12.93 41.80
C GLY B 162 -5.55 11.72 42.69
N VAL B 163 -6.00 10.56 42.25
CA VAL B 163 -5.91 9.32 43.02
C VAL B 163 -4.86 8.42 42.39
N GLU B 164 -4.02 7.82 43.23
CA GLU B 164 -3.01 6.87 42.79
C GLU B 164 -3.03 5.66 43.70
N THR B 165 -2.79 4.48 43.13
CA THR B 165 -2.83 3.24 43.88
C THR B 165 -1.70 2.34 43.43
N THR B 166 -0.97 1.77 44.39
CA THR B 166 0.14 0.88 44.11
C THR B 166 -0.34 -0.55 43.94
N THR B 167 0.40 -1.33 43.17
CA THR B 167 0.09 -2.74 43.00
C THR B 167 0.33 -3.49 44.32
N PRO B 168 -0.59 -4.36 44.73
CA PRO B 168 -0.40 -5.09 46.00
C PRO B 168 0.90 -5.87 46.03
N SER B 169 1.77 -5.52 46.97
CA SER B 169 3.06 -6.16 47.14
C SER B 169 3.09 -6.95 48.44
N LYS B 170 3.96 -7.95 48.49
CA LYS B 170 4.07 -8.81 49.64
C LYS B 170 4.88 -8.15 50.75
N GLN B 171 4.51 -8.46 51.99
CA GLN B 171 5.18 -7.97 53.19
C GLN B 171 6.24 -8.97 53.63
N SER B 172 6.78 -8.75 54.84
CA SER B 172 7.76 -9.65 55.42
C SER B 172 7.13 -10.89 56.05
N ASN B 173 5.80 -10.97 56.13
CA ASN B 173 5.11 -12.13 56.68
C ASN B 173 4.26 -12.83 55.63
N ASN B 174 4.66 -12.73 54.36
CA ASN B 174 3.95 -13.36 53.24
C ASN B 174 2.50 -12.91 53.15
N LYS B 175 2.21 -11.66 53.48
CA LYS B 175 0.89 -11.07 53.29
C LYS B 175 1.02 -9.87 52.36
N TYR B 176 -0.02 -9.62 51.58
CA TYR B 176 0.03 -8.55 50.60
C TYR B 176 -0.38 -7.21 51.23
N ALA B 177 0.10 -6.13 50.61
CA ALA B 177 -0.18 -4.79 51.10
C ALA B 177 -0.27 -3.83 49.92
N ALA B 178 -1.16 -2.85 50.04
CA ALA B 178 -1.38 -1.86 48.98
C ALA B 178 -1.51 -0.48 49.58
N SER B 179 -1.30 0.53 48.74
CA SER B 179 -1.39 1.93 49.13
C SER B 179 -2.39 2.66 48.26
N SER B 180 -2.72 3.88 48.68
CA SER B 180 -3.64 4.74 47.93
C SER B 180 -3.45 6.17 48.39
N TYR B 181 -3.26 7.08 47.44
CA TYR B 181 -3.02 8.48 47.73
C TYR B 181 -4.04 9.34 47.01
N LEU B 182 -4.58 10.33 47.72
CA LEU B 182 -5.54 11.28 47.17
C LEU B 182 -4.94 12.67 47.33
N SER B 183 -4.28 13.15 46.28
CA SER B 183 -3.66 14.47 46.29
C SER B 183 -4.73 15.54 46.16
N LEU B 184 -4.81 16.43 47.14
CA LEU B 184 -5.79 17.50 47.17
C LEU B 184 -5.09 18.82 47.49
N THR B 185 -5.87 19.88 47.57
CA THR B 185 -5.41 21.20 47.98
C THR B 185 -5.89 21.51 49.38
N PRO B 186 -5.23 22.43 50.09
CA PRO B 186 -5.72 22.80 51.43
C PRO B 186 -7.16 23.29 51.44
N GLU B 187 -7.62 23.92 50.35
CA GLU B 187 -9.01 24.36 50.29
C GLU B 187 -9.96 23.18 50.11
N GLN B 188 -9.57 22.20 49.29
CA GLN B 188 -10.41 21.03 49.08
C GLN B 188 -10.50 20.16 50.31
N TRP B 189 -9.47 20.19 51.17
CA TRP B 189 -9.47 19.35 52.35
C TRP B 189 -10.35 19.92 53.45
N LYS B 190 -10.38 21.25 53.60
CA LYS B 190 -11.15 21.85 54.68
C LYS B 190 -12.62 22.04 54.30
N SER B 191 -12.92 22.15 53.02
CA SER B 191 -14.29 22.43 52.55
C SER B 191 -15.07 21.16 52.29
N HIS B 192 -14.93 20.13 53.13
CA HIS B 192 -15.69 18.90 52.97
C HIS B 192 -16.01 18.34 54.35
N ARG B 193 -17.11 17.59 54.43
CA ARG B 193 -17.57 17.02 55.68
C ARG B 193 -16.72 15.83 56.11
N SER B 194 -16.49 14.87 55.21
CA SER B 194 -15.74 13.68 55.56
C SER B 194 -15.22 13.02 54.29
N TYR B 195 -13.97 12.58 54.33
CA TYR B 195 -13.37 11.78 53.27
C TYR B 195 -13.26 10.34 53.75
N SER B 196 -13.65 9.40 52.88
CA SER B 196 -13.67 7.99 53.23
C SER B 196 -12.88 7.19 52.21
N CYS B 197 -12.25 6.12 52.68
CA CYS B 197 -11.52 5.17 51.85
C CYS B 197 -12.28 3.84 51.88
N GLN B 198 -12.84 3.45 50.74
CA GLN B 198 -13.65 2.25 50.63
C GLN B 198 -12.84 1.17 49.94
N VAL B 199 -12.40 0.17 50.70
CA VAL B 199 -11.56 -0.91 50.21
C VAL B 199 -12.41 -2.17 50.11
N THR B 200 -12.30 -2.89 49.00
CA THR B 200 -13.05 -4.10 48.75
C THR B 200 -12.06 -5.24 48.47
N HIS B 201 -12.25 -6.36 49.16
CA HIS B 201 -11.36 -7.50 49.02
C HIS B 201 -12.17 -8.79 49.15
N GLU B 202 -12.24 -9.56 48.06
CA GLU B 202 -12.93 -10.85 48.05
C GLU B 202 -14.39 -10.70 48.44
N GLY B 203 -15.03 -9.63 47.99
CA GLY B 203 -16.43 -9.42 48.25
C GLY B 203 -16.72 -8.46 49.38
N SER B 204 -16.09 -8.68 50.54
CA SER B 204 -16.33 -7.84 51.70
C SER B 204 -15.77 -6.44 51.46
N THR B 205 -16.23 -5.50 52.28
CA THR B 205 -15.87 -4.10 52.15
C THR B 205 -15.56 -3.51 53.51
N VAL B 206 -14.39 -2.87 53.64
CA VAL B 206 -14.00 -2.16 54.83
C VAL B 206 -13.83 -0.69 54.47
N GLU B 207 -14.34 0.20 55.34
CA GLU B 207 -14.36 1.62 55.03
C GLU B 207 -14.04 2.42 56.29
N LYS B 208 -12.97 3.21 56.22
CA LYS B 208 -12.62 4.17 57.26
C LYS B 208 -13.00 5.57 56.82
N THR B 209 -13.05 6.49 57.79
CA THR B 209 -13.48 7.85 57.53
C THR B 209 -12.66 8.83 58.35
N VAL B 210 -12.27 9.95 57.74
CA VAL B 210 -11.54 11.01 58.40
C VAL B 210 -12.21 12.34 58.09
N ALA B 211 -11.95 13.32 58.96
CA ALA B 211 -12.53 14.64 58.85
C ALA B 211 -11.50 15.66 59.33
N PRO B 212 -11.60 16.90 58.85
CA PRO B 212 -10.64 17.94 59.32
C PRO B 212 -10.74 18.20 60.81
N THR B 213 -11.91 18.03 61.42
CA THR B 213 -12.06 18.27 62.85
C THR B 213 -11.60 17.07 63.66
N ASN C 27 -7.53 24.01 -43.43
CA ASN C 27 -7.45 24.04 -44.88
C ASN C 27 -6.75 22.81 -45.43
N ILE C 28 -7.32 22.26 -46.50
CA ILE C 28 -6.80 21.08 -47.18
C ILE C 28 -6.90 21.33 -48.68
N THR C 29 -5.82 21.09 -49.41
CA THR C 29 -5.83 21.15 -50.85
C THR C 29 -5.24 19.89 -51.45
N GLU C 30 -5.45 19.73 -52.76
CA GLU C 30 -5.05 18.54 -53.49
C GLU C 30 -4.76 18.95 -54.92
N GLU C 31 -3.72 18.38 -55.50
CA GLU C 31 -3.32 18.65 -56.88
C GLU C 31 -3.20 17.34 -57.63
N PHE C 32 -3.80 17.27 -58.82
CA PHE C 32 -3.69 16.11 -59.69
C PHE C 32 -2.76 16.46 -60.83
N TYR C 33 -1.75 15.62 -61.06
CA TYR C 33 -0.81 15.81 -62.15
C TYR C 33 -1.15 14.84 -63.28
N GLN C 34 -1.79 15.37 -64.32
CA GLN C 34 -2.17 14.56 -65.48
C GLN C 34 -0.96 13.91 -66.12
N SER C 35 0.21 14.57 -66.06
CA SER C 35 1.40 14.07 -66.73
C SER C 35 1.90 12.76 -66.13
N THR C 36 1.64 12.52 -64.83
CA THR C 36 2.21 11.36 -64.16
C THR C 36 1.16 10.52 -63.47
N CYS C 37 -0.12 10.80 -63.67
CA CYS C 37 -1.23 10.03 -63.11
C CYS C 37 -1.07 9.90 -61.59
N SER C 38 -0.89 11.04 -60.93
CA SER C 38 -0.69 11.05 -59.49
C SER C 38 -1.28 12.32 -58.89
N ALA C 39 -1.44 12.30 -57.56
CA ALA C 39 -2.05 13.42 -56.86
C ALA C 39 -1.46 13.53 -55.46
N VAL C 40 -1.22 14.77 -55.03
CA VAL C 40 -0.66 15.06 -53.71
C VAL C 40 -1.66 15.88 -52.92
N SER C 41 -1.99 15.44 -51.71
CA SER C 41 -2.86 16.19 -50.81
C SER C 41 -2.01 16.86 -49.73
N LYS C 42 -2.07 18.19 -49.66
CA LYS C 42 -1.28 18.98 -48.73
C LYS C 42 -2.17 19.66 -47.69
N GLY C 43 -1.53 20.19 -46.65
CA GLY C 43 -2.20 20.98 -45.62
C GLY C 43 -2.29 20.30 -44.28
N TYR C 44 -1.77 19.08 -44.16
CA TYR C 44 -1.83 18.28 -42.95
C TYR C 44 -0.68 18.64 -42.01
N LEU C 45 -0.87 18.37 -40.72
CA LEU C 45 0.14 18.63 -39.70
C LEU C 45 0.59 17.32 -39.08
N SER C 46 1.89 17.22 -38.81
CA SER C 46 2.51 15.98 -38.37
C SER C 46 2.32 15.72 -36.88
N ALA C 47 2.33 14.44 -36.54
CA ALA C 47 2.51 13.97 -35.16
C ALA C 47 3.26 12.64 -35.25
N LEU C 48 4.58 12.73 -35.25
CA LEU C 48 5.45 11.58 -35.51
C LEU C 48 5.96 11.04 -34.19
N ARG C 49 5.79 9.73 -33.98
CA ARG C 49 6.36 9.07 -32.82
C ARG C 49 7.87 8.90 -33.01
N THR C 50 8.64 9.47 -32.11
CA THR C 50 10.10 9.52 -32.23
C THR C 50 10.80 8.72 -31.14
N GLY C 51 10.17 8.56 -29.98
CA GLY C 51 10.75 7.78 -28.90
C GLY C 51 9.67 7.05 -28.13
N TRP C 52 10.02 6.55 -26.95
CA TRP C 52 9.09 5.79 -26.12
C TRP C 52 9.18 6.26 -24.68
N TYR C 53 8.05 6.34 -24.01
CA TYR C 53 8.02 6.49 -22.56
C TYR C 53 7.52 5.19 -21.96
N THR C 54 8.19 4.73 -20.91
CA THR C 54 7.83 3.48 -20.25
C THR C 54 7.34 3.75 -18.84
N SER C 55 6.15 3.24 -18.52
CA SER C 55 5.52 3.41 -17.22
C SER C 55 5.29 2.03 -16.63
N VAL C 56 5.41 1.93 -15.31
CA VAL C 56 5.17 0.67 -14.61
C VAL C 56 3.83 0.74 -13.90
N ILE C 57 2.90 -0.10 -14.30
CA ILE C 57 1.57 -0.14 -13.70
C ILE C 57 1.51 -1.35 -12.79
N THR C 58 1.09 -1.14 -11.54
CA THR C 58 1.10 -2.20 -10.54
C THR C 58 -0.29 -2.44 -9.99
N ILE C 59 -0.58 -3.70 -9.69
CA ILE C 59 -1.77 -4.07 -8.94
C ILE C 59 -1.30 -4.83 -7.71
N GLU C 60 -1.71 -4.36 -6.53
CA GLU C 60 -1.33 -5.00 -5.28
C GLU C 60 -2.27 -6.16 -4.99
N LEU C 61 -1.74 -7.36 -4.83
CA LEU C 61 -2.55 -8.55 -4.66
C LEU C 61 -2.51 -9.01 -3.21
N SER C 62 -3.54 -9.75 -2.82
CA SER C 62 -3.64 -10.30 -1.48
C SER C 62 -3.28 -11.78 -1.41
N ASN C 63 -2.50 -12.12 -0.38
CA ASN C 63 -2.13 -13.49 -0.08
C ASN C 63 -3.29 -14.10 0.70
N ILE C 64 -3.99 -15.03 0.06
CA ILE C 64 -5.21 -15.64 0.59
C ILE C 64 -4.94 -17.14 0.75
N LYS C 65 -4.98 -17.58 2.01
CA LYS C 65 -4.82 -18.97 2.42
C LYS C 65 -6.16 -19.69 2.38
N GLU C 66 -6.18 -20.93 2.86
CA GLU C 66 -7.40 -21.74 2.86
C GLU C 66 -8.46 -21.20 3.80
N ASN C 67 -9.72 -21.49 3.46
CA ASN C 67 -10.90 -21.15 4.26
C ASN C 67 -11.52 -22.48 4.70
N LYS C 68 -11.35 -22.82 5.97
CA LYS C 68 -11.68 -24.16 6.46
C LYS C 68 -13.16 -24.38 6.72
N CYS C 69 -14.04 -23.46 6.33
CA CYS C 69 -15.49 -23.64 6.48
C CYS C 69 -16.11 -24.38 5.30
N ASN C 70 -17.01 -25.33 5.58
CA ASN C 70 -17.81 -25.94 4.51
C ASN C 70 -19.15 -25.26 4.52
N GLY C 71 -19.17 -23.92 4.56
CA GLY C 71 -20.42 -23.19 4.67
C GLY C 71 -21.26 -23.37 3.43
N THR C 72 -22.49 -23.87 3.60
CA THR C 72 -23.41 -23.97 2.48
C THR C 72 -24.30 -22.74 2.36
N ASP C 73 -23.93 -21.65 3.01
CA ASP C 73 -24.69 -20.40 2.88
C ASP C 73 -24.57 -19.92 1.43
N ALA C 74 -25.69 -19.53 0.84
CA ALA C 74 -25.68 -19.20 -0.59
C ALA C 74 -24.76 -18.02 -0.90
N LYS C 75 -24.59 -17.12 0.06
CA LYS C 75 -23.72 -15.96 -0.13
C LYS C 75 -22.24 -16.30 0.09
N VAL C 76 -21.94 -17.19 1.04
CA VAL C 76 -20.57 -17.67 1.21
C VAL C 76 -20.11 -18.42 -0.05
N LYS C 77 -21.00 -19.21 -0.64
CA LYS C 77 -20.63 -19.97 -1.82
C LYS C 77 -20.22 -19.07 -2.98
N LEU C 78 -20.95 -17.97 -3.19
CA LEU C 78 -20.62 -17.06 -4.27
C LEU C 78 -19.29 -16.34 -4.02
N ILE C 79 -19.03 -15.97 -2.76
CA ILE C 79 -17.74 -15.36 -2.44
C ILE C 79 -16.61 -16.35 -2.69
N LYS C 80 -16.81 -17.60 -2.30
CA LYS C 80 -15.78 -18.62 -2.49
C LYS C 80 -15.54 -18.90 -3.97
N GLN C 81 -16.61 -18.87 -4.78
CA GLN C 81 -16.45 -19.05 -6.22
C GLN C 81 -15.66 -17.88 -6.82
N GLU C 82 -15.95 -16.66 -6.36
CA GLU C 82 -15.22 -15.49 -6.85
C GLU C 82 -13.76 -15.55 -6.43
N LEU C 83 -13.50 -16.04 -5.22
CA LEU C 83 -12.12 -16.16 -4.75
C LEU C 83 -11.33 -17.20 -5.53
N ASP C 84 -11.99 -18.28 -5.99
CA ASP C 84 -11.30 -19.24 -6.84
C ASP C 84 -10.90 -18.59 -8.16
N LYS C 85 -11.80 -17.79 -8.74
CA LYS C 85 -11.45 -17.07 -9.97
C LYS C 85 -10.25 -16.16 -9.72
N TYR C 86 -10.25 -15.46 -8.58
CA TYR C 86 -9.13 -14.61 -8.19
C TYR C 86 -7.83 -15.42 -8.09
N LYS C 87 -7.89 -16.56 -7.42
CA LYS C 87 -6.70 -17.38 -7.22
C LYS C 87 -6.21 -17.99 -8.53
N ASN C 88 -7.14 -18.42 -9.39
CA ASN C 88 -6.75 -18.97 -10.69
C ASN C 88 -6.12 -17.89 -11.57
N ALA C 89 -6.61 -16.65 -11.47
CA ALA C 89 -6.01 -15.55 -12.23
C ALA C 89 -4.55 -15.34 -11.83
N VAL C 90 -4.28 -15.30 -10.52
CA VAL C 90 -2.90 -15.13 -10.05
C VAL C 90 -2.02 -16.28 -10.53
N THR C 91 -2.52 -17.51 -10.39
CA THR C 91 -1.76 -18.67 -10.86
C THR C 91 -1.51 -18.59 -12.36
N GLU C 92 -2.53 -18.15 -13.11
CA GLU C 92 -2.40 -18.03 -14.56
C GLU C 92 -1.29 -17.03 -14.94
N LEU C 93 -1.33 -15.84 -14.33
CA LEU C 93 -0.32 -14.83 -14.61
C LEU C 93 1.08 -15.26 -14.19
N GLN C 94 1.20 -16.07 -13.14
CA GLN C 94 2.51 -16.56 -12.73
C GLN C 94 3.12 -17.45 -13.82
N LEU C 95 2.28 -18.20 -14.54
CA LEU C 95 2.76 -18.97 -15.68
C LEU C 95 3.28 -18.04 -16.78
N LEU C 96 2.57 -16.92 -16.99
CA LEU C 96 2.93 -15.98 -18.05
C LEU C 96 4.24 -15.27 -17.73
N MET C 97 4.46 -14.89 -16.47
CA MET C 97 5.66 -14.17 -16.07
C MET C 97 6.93 -15.01 -16.18
N GLN C 98 6.81 -16.31 -16.44
CA GLN C 98 7.96 -17.20 -16.57
C GLN C 98 8.46 -17.30 -18.00
N SER C 99 7.95 -16.45 -18.90
CA SER C 99 8.38 -16.41 -20.29
C SER C 99 8.76 -14.99 -20.65
N THR C 100 9.82 -14.86 -21.46
CA THR C 100 10.30 -13.55 -21.89
C THR C 100 9.44 -12.98 -23.00
N PRO C 101 8.68 -11.91 -22.74
CA PRO C 101 7.73 -11.32 -23.69
C PRO C 101 8.40 -10.78 -24.96
N PHE C 137 4.15 0.52 -52.26
CA PHE C 137 5.03 -0.35 -53.03
C PHE C 137 6.37 -0.57 -52.33
N LEU C 138 6.86 0.47 -51.66
CA LEU C 138 8.25 0.53 -51.22
C LEU C 138 8.40 0.15 -49.75
N GLY C 139 7.41 -0.55 -49.19
CA GLY C 139 7.53 -1.04 -47.82
C GLY C 139 8.75 -1.90 -47.59
N PHE C 140 9.18 -2.66 -48.61
CA PHE C 140 10.32 -3.56 -48.49
C PHE C 140 11.65 -2.83 -48.28
N LEU C 141 11.69 -1.51 -48.40
CA LEU C 141 12.93 -0.78 -48.16
C LEU C 141 13.10 -0.40 -46.70
N LEU C 142 12.08 -0.61 -45.88
CA LEU C 142 12.12 -0.22 -44.47
C LEU C 142 13.08 -1.10 -43.69
N GLY C 143 13.59 -0.56 -42.59
CA GLY C 143 14.37 -1.33 -41.64
C GLY C 143 13.50 -2.21 -40.78
N VAL C 144 14.13 -2.88 -39.82
CA VAL C 144 13.45 -3.79 -38.91
C VAL C 144 13.78 -3.40 -37.48
N GLY C 145 12.77 -2.94 -36.74
CA GLY C 145 12.91 -2.55 -35.36
C GLY C 145 12.53 -3.66 -34.39
N SER C 146 12.65 -3.34 -33.11
CA SER C 146 12.16 -4.19 -32.03
C SER C 146 11.20 -3.33 -31.21
N ALA C 147 9.90 -3.45 -31.54
CA ALA C 147 8.91 -2.47 -31.12
C ALA C 147 8.84 -2.30 -29.60
N ILE C 148 9.07 -3.37 -28.84
CA ILE C 148 8.98 -3.30 -27.39
C ILE C 148 10.33 -3.48 -26.72
N ALA C 149 11.43 -3.21 -27.46
CA ALA C 149 12.75 -3.33 -26.86
C ALA C 149 12.90 -2.42 -25.64
N SER C 150 12.32 -1.22 -25.71
CA SER C 150 12.40 -0.28 -24.59
C SER C 150 11.58 -0.76 -23.40
N GLY C 151 10.33 -1.14 -23.65
CA GLY C 151 9.50 -1.65 -22.56
C GLY C 151 10.07 -2.89 -21.90
N VAL C 152 10.54 -3.84 -22.69
CA VAL C 152 11.08 -5.08 -22.14
C VAL C 152 12.34 -4.79 -21.33
N ALA C 153 13.15 -3.84 -21.78
CA ALA C 153 14.35 -3.46 -21.03
C ALA C 153 14.01 -2.97 -19.63
N VAL C 154 12.97 -2.13 -19.52
CA VAL C 154 12.52 -1.68 -18.20
C VAL C 154 11.98 -2.86 -17.40
N CYS C 155 11.34 -3.82 -18.07
CA CYS C 155 10.78 -4.97 -17.36
C CYS C 155 11.88 -5.85 -16.76
N LYS C 156 12.99 -6.02 -17.49
CA LYS C 156 14.09 -6.82 -16.98
C LYS C 156 14.59 -6.29 -15.64
N VAL C 157 14.64 -4.95 -15.49
CA VAL C 157 15.12 -4.36 -14.25
C VAL C 157 14.20 -4.72 -13.09
N LEU C 158 12.90 -4.81 -13.36
CA LEU C 158 11.92 -5.13 -12.33
C LEU C 158 12.10 -6.53 -11.77
N HIS C 159 12.88 -7.39 -12.43
CA HIS C 159 13.15 -8.74 -11.95
C HIS C 159 14.34 -8.81 -11.02
N LEU C 160 15.07 -7.72 -10.83
CA LEU C 160 16.23 -7.71 -9.95
C LEU C 160 15.77 -7.67 -8.50
N GLU C 161 16.66 -8.09 -7.61
CA GLU C 161 16.31 -8.23 -6.20
C GLU C 161 15.96 -6.88 -5.61
N GLY C 162 14.86 -6.84 -4.86
CA GLY C 162 14.41 -5.66 -4.15
C GLY C 162 13.91 -4.53 -5.02
N GLU C 163 13.91 -4.68 -6.35
CA GLU C 163 13.43 -3.60 -7.20
C GLU C 163 11.91 -3.44 -7.05
N VAL C 164 11.20 -4.56 -6.97
CA VAL C 164 9.76 -4.51 -6.74
C VAL C 164 9.46 -3.90 -5.38
N ASN C 165 10.27 -4.22 -4.37
CA ASN C 165 10.05 -3.66 -3.04
C ASN C 165 10.08 -2.14 -3.06
N LYS C 166 11.00 -1.54 -3.83
CA LYS C 166 11.06 -0.09 -3.97
C LYS C 166 9.74 0.51 -4.46
N ILE C 167 9.23 0.03 -5.60
CA ILE C 167 7.94 0.53 -6.09
C ILE C 167 6.86 0.34 -5.03
N LYS C 168 6.83 -0.85 -4.40
CA LYS C 168 5.75 -1.16 -3.47
C LYS C 168 5.76 -0.21 -2.29
N SER C 169 6.94 0.04 -1.71
CA SER C 169 7.02 0.91 -0.54
C SER C 169 6.87 2.37 -0.95
N ALA C 170 7.25 2.70 -2.19
CA ALA C 170 7.09 4.07 -2.69
C ALA C 170 5.62 4.43 -2.83
N LEU C 171 4.79 3.44 -3.15
CA LEU C 171 3.35 3.62 -3.37
C LEU C 171 2.54 3.24 -2.14
N LEU C 172 3.18 3.24 -0.96
CA LEU C 172 2.48 2.87 0.26
C LEU C 172 1.52 3.97 0.70
N SER C 173 1.93 5.22 0.57
CA SER C 173 1.13 6.35 1.02
C SER C 173 0.32 6.98 -0.09
N THR C 174 0.81 6.96 -1.32
CA THR C 174 0.11 7.51 -2.46
C THR C 174 0.00 6.44 -3.55
N ASN C 175 -0.88 6.67 -4.52
CA ASN C 175 -1.07 5.75 -5.63
C ASN C 175 -0.34 6.20 -6.89
N LYS C 176 0.54 7.19 -6.78
CA LYS C 176 1.27 7.70 -7.92
C LYS C 176 2.60 8.27 -7.44
N ALA C 177 3.71 7.74 -7.97
CA ALA C 177 5.02 8.18 -7.52
C ALA C 177 6.03 7.98 -8.65
N VAL C 178 7.12 8.71 -8.55
CA VAL C 178 8.26 8.59 -9.46
C VAL C 178 9.35 7.81 -8.73
N VAL C 179 9.71 6.65 -9.27
CA VAL C 179 10.71 5.78 -8.64
C VAL C 179 11.97 5.78 -9.50
N SER C 180 13.12 5.89 -8.85
CA SER C 180 14.41 5.76 -9.52
C SER C 180 14.86 4.31 -9.44
N LEU C 181 15.00 3.68 -10.61
CA LEU C 181 15.44 2.30 -10.67
C LEU C 181 16.94 2.20 -10.44
N SER C 182 17.40 0.97 -10.22
CA SER C 182 18.81 0.75 -9.86
C SER C 182 19.74 1.24 -10.96
N ASN C 183 19.33 1.10 -12.23
CA ASN C 183 20.16 1.53 -13.34
C ASN C 183 20.21 3.05 -13.48
N GLY C 184 19.29 3.77 -12.85
CA GLY C 184 19.30 5.22 -12.83
C GLY C 184 18.14 5.86 -13.56
N VAL C 185 17.34 5.10 -14.30
CA VAL C 185 16.21 5.64 -15.03
C VAL C 185 15.05 5.88 -14.07
N SER C 186 14.40 7.03 -14.22
CA SER C 186 13.23 7.38 -13.44
C SER C 186 11.99 6.99 -14.23
N VAL C 187 11.10 6.22 -13.62
CA VAL C 187 9.86 5.79 -14.26
C VAL C 187 8.67 6.15 -13.38
N LEU C 188 7.63 6.68 -14.02
CA LEU C 188 6.35 6.87 -13.35
C LEU C 188 5.75 5.52 -12.98
N THR C 189 5.31 5.40 -11.73
CA THR C 189 4.69 4.17 -11.25
C THR C 189 3.29 4.48 -10.75
N PHE C 190 2.32 3.69 -11.20
CA PHE C 190 0.90 3.95 -10.97
C PHE C 190 0.26 2.67 -10.45
N LYS C 191 -0.36 2.75 -9.28
CA LYS C 191 -1.16 1.65 -8.74
C LYS C 191 -2.61 1.89 -9.15
N VAL C 192 -3.15 1.00 -9.98
CA VAL C 192 -4.47 1.22 -10.54
C VAL C 192 -5.57 0.45 -9.80
N LEU C 193 -5.19 -0.53 -8.99
CA LEU C 193 -6.16 -1.34 -8.26
C LEU C 193 -5.43 -1.91 -7.04
N ASP C 194 -6.02 -1.74 -5.86
CA ASP C 194 -5.46 -2.30 -4.64
C ASP C 194 -6.40 -3.39 -4.13
N LEU C 195 -6.11 -4.63 -4.50
CA LEU C 195 -6.93 -5.73 -4.02
C LEU C 195 -6.45 -6.22 -2.67
N LYS C 196 -5.15 -6.06 -2.38
CA LYS C 196 -4.62 -6.42 -1.08
C LYS C 196 -5.33 -5.64 0.03
N ASN C 197 -5.46 -4.32 -0.14
CA ASN C 197 -6.13 -3.50 0.86
C ASN C 197 -7.59 -3.89 0.99
N TYR C 198 -8.29 -4.02 -0.14
CA TYR C 198 -9.71 -4.36 -0.09
C TYR C 198 -9.93 -5.72 0.57
N ILE C 199 -9.24 -6.75 0.08
CA ILE C 199 -9.43 -8.08 0.64
C ILE C 199 -9.04 -8.10 2.12
N ASP C 200 -7.93 -7.46 2.47
CA ASP C 200 -7.51 -7.51 3.87
C ASP C 200 -8.41 -6.66 4.75
N LYS C 201 -8.93 -5.54 4.23
CA LYS C 201 -9.71 -4.65 5.09
C LYS C 201 -11.21 -4.82 4.95
N GLN C 202 -11.72 -5.36 3.85
CA GLN C 202 -13.17 -5.43 3.73
C GLN C 202 -13.73 -6.84 3.67
N LEU C 203 -13.00 -7.82 3.13
CA LEU C 203 -13.65 -9.11 2.91
C LEU C 203 -13.08 -10.24 3.73
N LEU C 204 -11.85 -10.12 4.22
CA LEU C 204 -11.29 -11.19 5.04
C LEU C 204 -12.10 -11.41 6.31
N PRO C 205 -12.44 -10.36 7.08
CA PRO C 205 -13.23 -10.59 8.32
C PRO C 205 -14.57 -11.22 8.06
N ILE C 206 -15.21 -10.87 6.94
CA ILE C 206 -16.58 -11.33 6.69
C ILE C 206 -16.59 -12.81 6.32
N LEU C 207 -15.57 -13.27 5.61
CA LEU C 207 -15.54 -14.67 5.21
C LEU C 207 -15.08 -15.57 6.35
N ASN C 208 -14.07 -15.14 7.11
CA ASN C 208 -13.47 -15.98 8.14
C ASN C 208 -14.27 -16.02 9.44
N LYS C 209 -15.44 -15.38 9.48
CA LYS C 209 -16.23 -15.35 10.70
C LYS C 209 -16.59 -16.76 11.16
N GLN C 210 -16.52 -16.97 12.47
CA GLN C 210 -16.84 -18.29 13.02
C GLN C 210 -18.24 -18.72 12.60
N SER C 211 -19.22 -17.82 12.73
CA SER C 211 -20.57 -18.06 12.23
C SER C 211 -20.55 -18.64 10.82
N CYS C 212 -19.59 -18.19 10.02
CA CYS C 212 -19.48 -18.57 8.60
C CYS C 212 -20.80 -18.35 7.87
N SER C 213 -21.21 -17.08 7.83
CA SER C 213 -22.29 -16.67 6.93
C SER C 213 -22.16 -15.17 6.68
N ILE C 214 -22.70 -14.75 5.53
CA ILE C 214 -22.55 -13.38 5.04
C ILE C 214 -23.81 -12.62 5.40
N SER C 215 -23.65 -11.41 5.93
CA SER C 215 -24.82 -10.63 6.35
C SER C 215 -25.65 -10.19 5.15
N ASN C 216 -25.03 -9.52 4.18
CA ASN C 216 -25.81 -8.91 3.12
C ASN C 216 -25.22 -9.17 1.74
N ILE C 217 -26.10 -9.05 0.75
CA ILE C 217 -25.86 -9.30 -0.67
C ILE C 217 -24.83 -8.35 -1.27
N GLU C 218 -24.73 -7.13 -0.75
CA GLU C 218 -23.85 -6.12 -1.33
C GLU C 218 -22.37 -6.47 -1.23
N THR C 219 -21.94 -7.18 -0.19
CA THR C 219 -20.51 -7.52 -0.14
C THR C 219 -20.12 -8.48 -1.27
N VAL C 220 -20.94 -9.50 -1.55
CA VAL C 220 -20.66 -10.41 -2.66
C VAL C 220 -20.56 -9.64 -3.97
N ILE C 221 -21.51 -8.74 -4.22
CA ILE C 221 -21.55 -7.95 -5.46
C ILE C 221 -20.37 -6.99 -5.53
N GLU C 222 -20.01 -6.36 -4.40
CA GLU C 222 -18.93 -5.39 -4.43
C GLU C 222 -17.61 -6.06 -4.78
N PHE C 223 -17.36 -7.25 -4.22
CA PHE C 223 -16.13 -7.97 -4.54
C PHE C 223 -16.05 -8.33 -6.02
N GLN C 224 -17.18 -8.77 -6.60
CA GLN C 224 -17.20 -9.10 -8.02
C GLN C 224 -16.87 -7.88 -8.88
N GLN C 225 -17.34 -6.70 -8.49
CA GLN C 225 -17.01 -5.48 -9.22
C GLN C 225 -15.51 -5.21 -9.18
N LYS C 226 -14.92 -5.26 -7.99
CA LYS C 226 -13.49 -4.97 -7.85
C LYS C 226 -12.62 -6.01 -8.55
N ASN C 227 -12.96 -7.30 -8.38
CA ASN C 227 -12.15 -8.38 -8.93
C ASN C 227 -12.24 -8.47 -10.45
N ASN C 228 -13.34 -7.98 -11.04
CA ASN C 228 -13.55 -8.10 -12.48
C ASN C 228 -12.38 -7.55 -13.30
N ARG C 229 -11.81 -6.41 -12.90
CA ARG C 229 -10.71 -5.83 -13.67
C ARG C 229 -9.50 -6.77 -13.71
N LEU C 230 -9.17 -7.40 -12.59
CA LEU C 230 -8.08 -8.37 -12.57
C LEU C 230 -8.34 -9.52 -13.53
N LEU C 231 -9.58 -10.00 -13.60
CA LEU C 231 -9.91 -11.13 -14.47
C LEU C 231 -9.80 -10.76 -15.94
N GLU C 232 -10.16 -9.52 -16.30
CA GLU C 232 -10.12 -9.12 -17.70
C GLU C 232 -8.71 -8.86 -18.18
N ILE C 233 -7.87 -8.22 -17.35
CA ILE C 233 -6.46 -8.00 -17.69
C ILE C 233 -5.75 -9.32 -18.00
N THR C 234 -5.88 -10.32 -17.12
CA THR C 234 -5.27 -11.61 -17.38
C THR C 234 -5.79 -12.24 -18.67
N ARG C 235 -7.09 -12.16 -18.90
CA ARG C 235 -7.68 -12.70 -20.13
C ARG C 235 -7.00 -12.15 -21.38
N GLU C 236 -6.81 -10.83 -21.45
CA GLU C 236 -6.18 -10.23 -22.63
C GLU C 236 -4.74 -10.71 -22.78
N PHE C 237 -3.98 -10.65 -21.70
CA PHE C 237 -2.59 -11.09 -21.72
C PHE C 237 -2.47 -12.56 -22.12
N SER C 238 -3.45 -13.38 -21.73
CA SER C 238 -3.38 -14.82 -21.98
C SER C 238 -3.49 -15.14 -23.47
N VAL C 239 -4.21 -14.32 -24.24
CA VAL C 239 -4.34 -14.55 -25.67
C VAL C 239 -3.41 -13.66 -26.48
N ASN C 240 -2.54 -12.88 -25.83
CA ASN C 240 -1.58 -12.03 -26.54
C ASN C 240 -0.15 -12.29 -26.08
N ALA C 241 0.08 -13.42 -25.40
CA ALA C 241 1.39 -13.80 -24.87
C ALA C 241 2.06 -12.65 -24.12
N GLY C 242 1.30 -12.00 -23.26
CA GLY C 242 1.81 -11.00 -22.36
C GLY C 242 2.11 -9.65 -22.96
N VAL C 243 1.83 -9.44 -24.25
CA VAL C 243 2.03 -8.16 -24.91
C VAL C 243 0.77 -7.85 -25.73
N THR C 244 0.09 -6.76 -25.37
CA THR C 244 -1.14 -6.37 -26.04
C THR C 244 -0.98 -5.01 -26.72
N THR C 245 -1.68 -4.84 -27.84
CA THR C 245 -1.81 -3.57 -28.54
C THR C 245 -3.04 -3.63 -29.44
N PRO C 246 -3.91 -2.61 -29.44
CA PRO C 246 -3.85 -1.39 -28.60
C PRO C 246 -4.04 -1.66 -27.11
N VAL C 247 -3.71 -0.68 -26.28
CA VAL C 247 -3.90 -0.80 -24.84
C VAL C 247 -5.35 -0.53 -24.50
N SER C 248 -6.03 -1.54 -23.97
CA SER C 248 -7.45 -1.48 -23.69
C SER C 248 -7.70 -0.68 -22.41
N THR C 249 -8.99 -0.45 -22.13
CA THR C 249 -9.37 0.31 -20.93
C THR C 249 -9.28 -0.52 -19.67
N TYR C 250 -9.14 -1.84 -19.78
CA TYR C 250 -8.85 -2.66 -18.61
C TYR C 250 -7.40 -2.46 -18.16
N MET C 251 -6.48 -2.36 -19.11
CA MET C 251 -5.08 -2.09 -18.75
C MET C 251 -4.90 -0.69 -18.18
N LEU C 252 -5.56 0.31 -18.77
CA LEU C 252 -5.38 1.69 -18.33
C LEU C 252 -6.62 2.48 -18.71
N THR C 253 -7.40 2.85 -17.70
CA THR C 253 -8.62 3.63 -17.91
C THR C 253 -8.29 4.99 -18.51
N ASN C 254 -9.31 5.62 -19.10
CA ASN C 254 -9.14 6.95 -19.68
C ASN C 254 -8.64 7.95 -18.62
N SER C 255 -9.15 7.83 -17.39
CA SER C 255 -8.72 8.73 -16.32
C SER C 255 -7.24 8.49 -15.98
N GLU C 256 -6.85 7.23 -15.81
CA GLU C 256 -5.46 6.92 -15.47
C GLU C 256 -4.51 7.37 -16.57
N LEU C 257 -4.88 7.15 -17.83
CA LEU C 257 -4.00 7.52 -18.95
C LEU C 257 -3.83 9.04 -19.04
N LEU C 258 -4.95 9.78 -19.01
CA LEU C 258 -4.86 11.24 -18.99
C LEU C 258 -4.01 11.73 -17.82
N SER C 259 -4.18 11.12 -16.65
CA SER C 259 -3.39 11.51 -15.50
C SER C 259 -1.92 11.18 -15.70
N LEU C 260 -1.64 10.03 -16.30
CA LEU C 260 -0.26 9.63 -16.59
C LEU C 260 0.39 10.60 -17.58
N ILE C 261 -0.34 10.94 -18.64
CA ILE C 261 0.16 11.92 -19.62
C ILE C 261 0.47 13.25 -18.94
N ASN C 262 -0.41 13.69 -18.03
CA ASN C 262 -0.22 14.98 -17.37
C ASN C 262 0.99 14.97 -16.45
N ASP C 263 1.34 13.82 -15.89
CA ASP C 263 2.50 13.71 -15.00
C ASP C 263 3.78 13.34 -15.72
N MET C 264 3.74 13.21 -17.05
CA MET C 264 4.90 12.82 -17.82
C MET C 264 5.85 14.01 -17.98
N PRO C 265 7.16 13.77 -18.04
CA PRO C 265 8.14 14.85 -18.26
C PRO C 265 8.23 15.28 -19.72
N ILE C 266 7.16 15.91 -20.21
CA ILE C 266 7.06 16.35 -21.60
C ILE C 266 6.49 17.77 -21.62
N THR C 267 6.62 18.42 -22.77
CA THR C 267 6.13 19.79 -22.92
C THR C 267 4.61 19.85 -22.78
N ASN C 268 4.10 21.07 -22.62
CA ASN C 268 2.66 21.28 -22.55
C ASN C 268 1.97 21.04 -23.88
N ASP C 269 2.65 21.35 -24.99
CA ASP C 269 2.10 21.06 -26.31
C ASP C 269 1.91 19.57 -26.52
N GLN C 270 2.89 18.78 -26.07
CA GLN C 270 2.83 17.33 -26.21
C GLN C 270 1.70 16.75 -25.37
N LYS C 271 1.57 17.23 -24.14
CA LYS C 271 0.48 16.81 -23.26
C LYS C 271 -0.89 17.05 -23.89
N LYS C 272 -1.07 18.24 -24.47
CA LYS C 272 -2.35 18.59 -25.10
C LYS C 272 -2.65 17.68 -26.28
N LEU C 273 -1.67 17.46 -27.15
CA LEU C 273 -1.85 16.59 -28.31
C LEU C 273 -2.28 15.18 -27.89
N MET C 274 -1.59 14.61 -26.89
CA MET C 274 -1.91 13.26 -26.46
C MET C 274 -3.28 13.18 -25.78
N SER C 275 -3.66 14.22 -25.03
CA SER C 275 -4.92 14.19 -24.31
C SER C 275 -6.11 14.28 -25.26
N ASN C 276 -5.98 15.04 -26.35
CA ASN C 276 -7.04 15.22 -27.33
C ASN C 276 -7.07 14.13 -28.39
N ASN C 277 -6.16 13.16 -28.33
CA ASN C 277 -6.12 12.05 -29.28
C ASN C 277 -5.80 10.75 -28.57
N VAL C 278 -6.45 10.52 -27.42
CA VAL C 278 -6.14 9.34 -26.60
C VAL C 278 -6.39 8.05 -27.37
N GLN C 279 -7.37 8.04 -28.28
CA GLN C 279 -7.65 6.81 -29.02
C GLN C 279 -6.48 6.42 -29.92
N ILE C 280 -5.78 7.40 -30.48
CA ILE C 280 -4.59 7.09 -31.27
C ILE C 280 -3.44 6.68 -30.37
N VAL C 281 -3.27 7.37 -29.24
CA VAL C 281 -2.27 6.98 -28.24
C VAL C 281 -2.43 5.52 -27.87
N ARG C 282 -3.67 5.10 -27.60
CA ARG C 282 -3.93 3.71 -27.25
C ARG C 282 -3.44 2.76 -28.34
N GLN C 283 -3.66 3.11 -29.60
CA GLN C 283 -3.31 2.20 -30.69
C GLN C 283 -1.81 2.10 -30.92
N GLN C 284 -1.06 3.13 -30.52
CA GLN C 284 0.39 3.14 -30.68
C GLN C 284 1.11 2.75 -29.39
N SER C 285 0.40 2.26 -28.39
CA SER C 285 1.00 1.89 -27.11
C SER C 285 1.01 0.37 -26.97
N TYR C 286 1.93 -0.11 -26.14
CA TYR C 286 1.99 -1.51 -25.78
C TYR C 286 1.85 -1.67 -24.26
N SER C 287 1.23 -2.78 -23.86
CA SER C 287 1.22 -3.22 -22.46
C SER C 287 1.95 -4.56 -22.39
N ILE C 288 3.00 -4.62 -21.59
CA ILE C 288 3.89 -5.78 -21.56
C ILE C 288 3.84 -6.40 -20.16
N MET C 289 3.27 -7.61 -20.07
CA MET C 289 3.22 -8.29 -18.78
C MET C 289 4.63 -8.59 -18.30
N CYS C 290 4.94 -8.14 -17.08
CA CYS C 290 6.30 -8.22 -16.57
C CYS C 290 6.34 -9.20 -15.43
N ILE C 291 6.18 -8.77 -14.18
CA ILE C 291 6.41 -9.60 -13.01
C ILE C 291 5.14 -9.68 -12.18
N ILE C 292 4.96 -10.82 -11.52
CA ILE C 292 3.98 -10.98 -10.44
C ILE C 292 4.70 -11.73 -9.31
N LYS C 293 5.16 -10.98 -8.31
CA LYS C 293 5.88 -11.55 -7.18
C LYS C 293 5.74 -10.62 -5.99
N GLU C 294 5.80 -11.20 -4.79
CA GLU C 294 5.72 -10.48 -3.53
C GLU C 294 4.45 -9.62 -3.46
N GLU C 295 3.31 -10.26 -3.73
CA GLU C 295 1.98 -9.65 -3.67
C GLU C 295 1.82 -8.47 -4.63
N VAL C 296 2.63 -8.37 -5.68
CA VAL C 296 2.52 -7.27 -6.62
C VAL C 296 2.46 -7.83 -8.04
N LEU C 297 1.44 -7.43 -8.79
CA LEU C 297 1.39 -7.64 -10.23
C LEU C 297 1.82 -6.35 -10.90
N ALA C 298 2.85 -6.41 -11.73
CA ALA C 298 3.35 -5.24 -12.45
C ALA C 298 3.46 -5.52 -13.94
N TYR C 299 2.90 -4.62 -14.76
CA TYR C 299 3.11 -4.66 -16.19
C TYR C 299 3.56 -3.29 -16.67
N VAL C 300 4.36 -3.29 -17.73
CA VAL C 300 4.92 -2.07 -18.30
C VAL C 300 4.04 -1.58 -19.44
N VAL C 301 3.58 -0.34 -19.34
CA VAL C 301 2.84 0.31 -20.43
C VAL C 301 3.80 1.25 -21.14
N GLN C 302 3.93 1.05 -22.45
CA GLN C 302 4.89 1.78 -23.29
C GLN C 302 4.16 2.84 -24.10
N LEU C 303 4.35 4.10 -23.74
CA LEU C 303 3.59 5.14 -24.42
C LEU C 303 4.43 5.83 -25.50
N PRO C 304 3.80 6.20 -26.61
CA PRO C 304 4.53 6.92 -27.67
C PRO C 304 4.93 8.32 -27.24
N LEU C 305 6.17 8.69 -27.57
CA LEU C 305 6.62 10.07 -27.49
C LEU C 305 6.58 10.67 -28.89
N TYR C 306 5.92 11.82 -29.03
CA TYR C 306 5.81 12.52 -30.32
C TYR C 306 6.80 13.67 -30.38
N GLY C 307 7.99 13.38 -30.89
CA GLY C 307 9.07 14.34 -30.93
C GLY C 307 9.01 15.32 -32.10
N VAL C 308 8.14 15.06 -33.07
CA VAL C 308 7.93 15.94 -34.22
C VAL C 308 6.45 16.25 -34.32
N ILE C 309 6.10 17.54 -34.22
CA ILE C 309 4.72 17.99 -34.19
C ILE C 309 4.56 19.21 -35.09
N ASP C 310 3.44 19.23 -35.85
CA ASP C 310 3.00 20.38 -36.63
C ASP C 310 3.91 20.71 -37.80
N THR C 311 4.69 19.72 -38.31
CA THR C 311 5.35 20.01 -39.58
C THR C 311 4.44 19.64 -40.76
N PRO C 312 4.63 20.27 -41.91
CA PRO C 312 3.82 19.91 -43.09
C PRO C 312 4.00 18.45 -43.49
N CYS C 313 2.88 17.79 -43.74
CA CYS C 313 2.83 16.45 -44.31
C CYS C 313 1.98 16.47 -45.59
N TRP C 314 2.26 15.55 -46.51
CA TRP C 314 1.42 15.38 -47.69
C TRP C 314 1.35 13.91 -48.07
N LYS C 315 0.23 13.53 -48.68
CA LYS C 315 -0.04 12.18 -49.12
C LYS C 315 0.02 12.08 -50.64
N LEU C 316 0.89 11.21 -51.15
CA LEU C 316 1.04 10.98 -52.58
C LEU C 316 0.22 9.77 -53.00
N HIS C 317 -0.73 9.99 -53.91
CA HIS C 317 -1.55 8.93 -54.49
C HIS C 317 -1.09 8.73 -55.94
N THR C 318 -0.91 7.46 -56.33
CA THR C 318 -0.48 7.14 -57.68
C THR C 318 -1.34 6.03 -58.27
N SER C 319 -1.43 6.02 -59.60
CA SER C 319 -2.25 5.06 -60.34
C SER C 319 -1.57 4.78 -61.67
N PRO C 320 -1.79 3.60 -62.26
CA PRO C 320 -1.09 3.25 -63.50
C PRO C 320 -1.42 4.17 -64.67
N LEU C 321 -0.39 4.55 -65.41
CA LEU C 321 -0.52 5.40 -66.59
C LEU C 321 -0.13 4.59 -67.83
N CYS C 322 -1.09 4.28 -68.68
CA CYS C 322 -0.88 3.45 -69.85
C CYS C 322 -1.25 4.18 -71.13
N THR C 323 -0.62 3.75 -72.22
CA THR C 323 -1.02 4.17 -73.56
C THR C 323 -2.39 3.56 -73.89
N THR C 324 -3.06 4.13 -74.88
CA THR C 324 -4.45 3.80 -75.14
C THR C 324 -4.66 3.35 -76.58
N ASN C 325 -3.70 2.60 -77.13
CA ASN C 325 -3.88 2.04 -78.46
C ASN C 325 -4.99 1.00 -78.45
N THR C 326 -5.68 0.88 -79.59
CA THR C 326 -6.78 -0.09 -79.70
C THR C 326 -6.27 -1.53 -79.74
N LYS C 327 -5.05 -1.74 -80.25
CA LYS C 327 -4.45 -3.06 -80.23
C LYS C 327 -4.21 -3.54 -78.80
N GLU C 328 -4.85 -4.66 -78.45
CA GLU C 328 -5.01 -5.10 -77.07
C GLU C 328 -3.70 -5.04 -76.28
N GLY C 329 -2.70 -5.81 -76.70
CA GLY C 329 -1.47 -5.91 -75.94
C GLY C 329 -0.32 -5.03 -76.38
N SER C 330 -0.57 -4.05 -77.25
CA SER C 330 0.49 -3.19 -77.75
C SER C 330 0.79 -2.03 -76.82
N ASN C 331 0.13 -1.97 -75.67
CA ASN C 331 0.22 -0.86 -74.74
C ASN C 331 1.28 -1.10 -73.66
N ILE C 332 1.87 -0.01 -73.20
CA ILE C 332 2.86 -0.02 -72.13
C ILE C 332 2.34 0.85 -71.00
N CYS C 333 2.75 0.53 -69.78
CA CYS C 333 2.22 1.19 -68.59
C CYS C 333 3.35 1.64 -67.68
N LEU C 334 3.01 2.63 -66.85
CA LEU C 334 3.97 3.23 -65.93
C LEU C 334 3.22 3.61 -64.67
N THR C 335 3.79 3.30 -63.50
CA THR C 335 3.21 3.71 -62.23
C THR C 335 4.29 4.23 -61.30
N ARG C 336 4.10 5.44 -60.77
CA ARG C 336 4.97 5.95 -59.74
C ARG C 336 4.87 5.07 -58.49
N THR C 337 6.00 4.56 -58.02
CA THR C 337 5.99 3.63 -56.90
C THR C 337 6.17 4.32 -55.56
N ASP C 338 6.43 5.62 -55.54
CA ASP C 338 6.81 6.33 -54.33
C ASP C 338 5.59 6.89 -53.58
N ARG C 339 4.42 6.28 -53.76
CA ARG C 339 3.24 6.69 -53.03
C ARG C 339 3.40 6.37 -51.54
N GLY C 340 2.69 7.15 -50.72
CA GLY C 340 2.72 7.02 -49.29
C GLY C 340 2.68 8.38 -48.65
N TRP C 341 2.95 8.42 -47.34
CA TRP C 341 3.00 9.67 -46.61
C TRP C 341 4.38 10.29 -46.61
N TYR C 342 4.43 11.63 -46.70
CA TYR C 342 5.66 12.39 -46.62
C TYR C 342 5.47 13.48 -45.57
N CYS C 343 6.40 13.57 -44.63
CA CYS C 343 6.41 14.66 -43.65
C CYS C 343 7.79 15.32 -43.57
N ASP C 344 7.81 16.66 -43.55
CA ASP C 344 9.03 17.38 -43.27
C ASP C 344 9.51 17.04 -41.86
N ASN C 345 10.82 16.79 -41.71
CA ASN C 345 11.32 16.33 -40.42
C ASN C 345 12.81 16.63 -40.32
N ALA C 346 13.17 17.64 -39.51
CA ALA C 346 14.56 17.93 -39.17
C ALA C 346 15.43 18.15 -40.40
N GLY C 347 14.90 18.86 -41.39
CA GLY C 347 15.67 19.19 -42.58
C GLY C 347 15.57 18.17 -43.69
N SER C 348 14.99 17.00 -43.42
CA SER C 348 14.77 15.98 -44.42
C SER C 348 13.27 15.72 -44.52
N VAL C 349 12.90 14.65 -45.23
CA VAL C 349 11.50 14.25 -45.33
C VAL C 349 11.36 12.81 -44.86
N SER C 350 10.47 12.60 -43.88
CA SER C 350 10.12 11.26 -43.44
C SER C 350 9.10 10.67 -44.40
N PHE C 351 9.44 9.55 -45.03
CA PHE C 351 8.59 8.91 -46.02
C PHE C 351 8.08 7.58 -45.48
N PHE C 352 6.76 7.44 -45.43
CA PHE C 352 6.14 6.23 -44.89
C PHE C 352 5.48 5.46 -46.01
N PRO C 353 6.14 4.46 -46.59
CA PRO C 353 5.57 3.78 -47.78
C PRO C 353 4.27 3.07 -47.47
N GLN C 354 4.19 2.39 -46.33
CA GLN C 354 2.97 1.73 -45.87
C GLN C 354 2.06 2.80 -45.30
N ALA C 355 1.25 3.41 -46.17
CA ALA C 355 0.35 4.48 -45.74
C ALA C 355 -0.70 4.00 -44.76
N GLU C 356 -0.95 2.69 -44.70
CA GLU C 356 -1.88 2.14 -43.72
C GLU C 356 -1.34 2.15 -42.30
N THR C 357 -0.07 2.49 -42.10
CA THR C 357 0.49 2.60 -40.75
C THR C 357 0.30 3.98 -40.14
N CYS C 358 -0.28 4.93 -40.89
CA CYS C 358 -0.58 6.26 -40.38
C CYS C 358 -2.08 6.40 -40.20
N LYS C 359 -2.48 7.14 -39.15
CA LYS C 359 -3.87 7.41 -38.85
C LYS C 359 -4.11 8.91 -39.01
N VAL C 360 -5.10 9.28 -39.82
CA VAL C 360 -5.43 10.68 -40.05
C VAL C 360 -6.62 11.03 -39.17
N GLN C 361 -6.46 12.04 -38.33
CA GLN C 361 -7.54 12.59 -37.52
C GLN C 361 -7.76 14.04 -37.92
N SER C 362 -8.85 14.31 -38.64
CA SER C 362 -9.12 15.62 -39.22
C SER C 362 -7.98 16.02 -40.15
N ASN C 363 -7.05 16.85 -39.67
CA ASN C 363 -5.90 17.23 -40.47
C ASN C 363 -4.58 16.93 -39.76
N ARG C 364 -4.61 16.10 -38.72
CA ARG C 364 -3.40 15.67 -38.03
C ARG C 364 -3.09 14.23 -38.41
N VAL C 365 -1.86 13.97 -38.84
CA VAL C 365 -1.44 12.63 -39.26
C VAL C 365 -0.53 12.05 -38.18
N PHE C 366 -0.96 10.93 -37.60
CA PHE C 366 -0.17 10.20 -36.62
C PHE C 366 0.58 9.09 -37.35
N CYS C 367 1.90 9.18 -37.41
CA CYS C 367 2.71 8.15 -38.04
C CYS C 367 3.77 7.69 -37.06
N ASP C 368 4.42 6.58 -37.41
CA ASP C 368 5.48 6.00 -36.59
C ASP C 368 6.75 5.97 -37.42
N THR C 369 7.82 6.60 -36.89
CA THR C 369 9.05 6.71 -37.66
C THR C 369 9.71 5.36 -37.90
N MET C 370 9.35 4.33 -37.12
CA MET C 370 9.91 3.01 -37.35
C MET C 370 9.55 2.49 -38.74
N ASN C 371 8.42 2.94 -39.29
CA ASN C 371 7.97 2.55 -40.61
C ASN C 371 8.28 3.62 -41.66
N SER C 372 9.35 4.37 -41.46
CA SER C 372 9.71 5.45 -42.38
C SER C 372 11.14 5.29 -42.88
N LEU C 373 11.40 5.90 -44.03
CA LEU C 373 12.73 6.21 -44.51
C LEU C 373 12.99 7.70 -44.34
N THR C 374 14.26 8.07 -44.17
CA THR C 374 14.65 9.47 -44.12
C THR C 374 15.23 9.81 -45.48
N LEU C 375 14.54 10.69 -46.21
CA LEU C 375 14.94 11.04 -47.56
C LEU C 375 15.35 12.50 -47.67
N PRO C 376 16.21 12.83 -48.63
CA PRO C 376 16.48 14.23 -48.92
C PRO C 376 15.21 14.94 -49.39
N SER C 377 15.11 16.23 -49.08
CA SER C 377 13.90 16.99 -49.39
C SER C 377 13.67 17.10 -50.90
N GLU C 378 14.68 16.83 -51.71
CA GLU C 378 14.53 16.86 -53.17
C GLU C 378 13.52 15.83 -53.67
N VAL C 379 13.17 14.84 -52.86
CA VAL C 379 12.16 13.84 -53.22
C VAL C 379 10.87 14.51 -53.66
N ASN C 380 10.59 15.71 -53.15
CA ASN C 380 9.36 16.43 -53.50
C ASN C 380 9.35 16.86 -54.96
N LEU C 381 10.53 16.97 -55.60
CA LEU C 381 10.59 17.42 -56.98
C LEU C 381 9.89 16.47 -57.94
N CYS C 382 9.74 15.19 -57.56
CA CYS C 382 9.07 14.23 -58.42
C CYS C 382 7.63 14.60 -58.71
N ASN C 383 7.02 15.44 -57.88
CA ASN C 383 5.63 15.82 -58.10
C ASN C 383 5.49 16.84 -59.23
N VAL C 384 6.37 17.84 -59.28
CA VAL C 384 6.29 18.84 -60.34
C VAL C 384 7.15 18.49 -61.57
N ASP C 385 8.23 17.71 -61.40
CA ASP C 385 9.07 17.36 -62.54
C ASP C 385 9.69 15.99 -62.28
N ILE C 386 9.02 14.94 -62.76
CA ILE C 386 9.48 13.57 -62.56
C ILE C 386 10.83 13.32 -63.23
N PHE C 387 11.22 14.15 -64.19
CA PHE C 387 12.50 13.99 -64.88
C PHE C 387 13.60 14.90 -64.33
N ASN C 388 13.37 15.53 -63.17
CA ASN C 388 14.35 16.41 -62.56
C ASN C 388 15.68 15.68 -62.38
N PRO C 389 16.80 16.39 -62.48
CA PRO C 389 18.12 15.73 -62.38
C PRO C 389 18.59 15.51 -60.95
N LYS C 390 17.88 16.04 -59.96
CA LYS C 390 18.34 16.04 -58.58
C LYS C 390 17.84 14.86 -57.75
N TYR C 391 16.74 14.22 -58.13
CA TYR C 391 16.27 13.05 -57.41
C TYR C 391 15.71 12.04 -58.40
N ASP C 392 16.14 10.79 -58.24
CA ASP C 392 15.76 9.70 -59.14
C ASP C 392 14.40 9.12 -58.77
N CYS C 393 13.35 9.62 -59.43
CA CYS C 393 11.98 9.29 -59.06
C CYS C 393 11.72 7.81 -59.30
N LYS C 394 11.06 7.15 -58.35
CA LYS C 394 10.88 5.70 -58.42
C LYS C 394 9.61 5.37 -59.18
N ILE C 395 9.71 4.43 -60.11
CA ILE C 395 8.60 3.99 -60.94
C ILE C 395 8.68 2.49 -61.19
N MET C 396 7.54 1.89 -61.54
CA MET C 396 7.50 0.54 -62.07
C MET C 396 6.90 0.55 -63.48
N THR C 397 7.21 -0.49 -64.24
CA THR C 397 6.72 -0.63 -65.61
C THR C 397 6.04 -1.99 -65.77
N SER C 398 5.14 -2.07 -66.75
CA SER C 398 4.47 -3.33 -67.07
C SER C 398 3.78 -3.16 -68.41
N LYS C 399 3.07 -4.22 -68.83
CA LYS C 399 2.19 -4.18 -69.99
C LYS C 399 0.77 -4.57 -69.61
N THR C 400 0.47 -4.54 -68.32
CA THR C 400 -0.82 -4.94 -67.76
C THR C 400 -1.71 -3.71 -67.67
N ASP C 401 -2.41 -3.38 -68.75
CA ASP C 401 -3.23 -2.18 -68.79
C ASP C 401 -4.63 -2.53 -68.30
N VAL C 402 -4.70 -2.83 -66.99
CA VAL C 402 -5.95 -3.12 -66.32
C VAL C 402 -6.51 -1.85 -65.72
N SER C 403 -7.83 -1.80 -65.57
CA SER C 403 -8.51 -0.62 -65.08
C SER C 403 -8.67 -0.67 -63.57
N SER C 404 -8.57 0.50 -62.94
CA SER C 404 -8.79 0.63 -61.50
C SER C 404 -8.93 2.11 -61.17
N SER C 405 -9.27 2.38 -59.91
CA SER C 405 -9.37 3.75 -59.42
C SER C 405 -8.60 3.87 -58.10
N VAL C 406 -8.05 5.06 -57.87
CA VAL C 406 -7.45 5.41 -56.59
C VAL C 406 -8.26 6.55 -55.98
N ILE C 407 -8.89 6.29 -54.83
CA ILE C 407 -9.61 7.32 -54.10
C ILE C 407 -8.61 8.16 -53.32
N THR C 408 -8.59 9.46 -53.59
CA THR C 408 -7.64 10.37 -52.96
C THR C 408 -8.29 11.02 -51.74
N SER C 409 -7.59 12.00 -51.17
CA SER C 409 -8.15 12.76 -50.06
C SER C 409 -9.37 13.56 -50.48
N LEU C 410 -9.33 14.16 -51.69
CA LEU C 410 -10.36 15.10 -52.10
C LEU C 410 -10.94 14.76 -53.47
N GLY C 411 -10.72 13.55 -53.97
CA GLY C 411 -11.26 13.16 -55.25
C GLY C 411 -11.00 11.72 -55.62
N ALA C 412 -10.82 11.44 -56.91
CA ALA C 412 -10.58 10.09 -57.37
C ALA C 412 -9.78 10.11 -58.67
N ILE C 413 -8.70 9.33 -58.71
CA ILE C 413 -7.98 9.08 -59.95
C ILE C 413 -8.59 7.85 -60.61
N VAL C 414 -8.82 7.93 -61.92
CA VAL C 414 -9.39 6.81 -62.67
C VAL C 414 -8.44 6.44 -63.81
N SER C 415 -7.90 5.22 -63.74
CA SER C 415 -7.10 4.64 -64.81
C SER C 415 -8.03 3.72 -65.61
N CYS C 416 -8.50 4.21 -66.76
CA CYS C 416 -9.51 3.50 -67.54
C CYS C 416 -8.88 3.06 -68.86
N TYR C 417 -8.82 1.75 -69.08
CA TYR C 417 -8.19 1.22 -70.28
C TYR C 417 -9.04 0.11 -70.88
N GLY C 418 -8.77 -0.20 -72.14
CA GLY C 418 -9.48 -1.25 -72.85
C GLY C 418 -10.96 -0.96 -72.98
N LYS C 419 -11.78 -1.98 -72.73
CA LYS C 419 -13.22 -1.89 -72.90
C LYS C 419 -13.95 -1.60 -71.59
N THR C 420 -13.23 -1.15 -70.57
CA THR C 420 -13.83 -0.94 -69.26
C THR C 420 -14.77 0.27 -69.29
N LYS C 421 -15.95 0.10 -68.69
CA LYS C 421 -16.86 1.21 -68.45
C LYS C 421 -16.42 1.95 -67.19
N CYS C 422 -16.12 3.23 -67.32
CA CYS C 422 -15.70 4.06 -66.19
C CYS C 422 -16.55 5.32 -66.15
N THR C 423 -17.23 5.53 -65.03
CA THR C 423 -18.11 6.68 -64.88
C THR C 423 -17.99 7.25 -63.48
N ALA C 424 -18.51 8.46 -63.31
CA ALA C 424 -18.67 9.13 -62.02
C ALA C 424 -20.11 9.58 -61.88
N SER C 425 -20.70 9.37 -60.70
CA SER C 425 -22.11 9.69 -60.52
C SER C 425 -22.30 10.60 -59.31
N ASN C 426 -23.41 11.33 -59.35
CA ASN C 426 -23.94 12.11 -58.24
C ASN C 426 -25.15 11.41 -57.64
N LYS C 427 -25.36 11.61 -56.33
CA LYS C 427 -26.46 10.92 -55.66
C LYS C 427 -27.82 11.40 -56.16
N ASN C 428 -27.90 12.65 -56.62
CA ASN C 428 -29.18 13.23 -57.02
C ASN C 428 -29.41 13.08 -58.52
N ARG C 429 -28.39 13.39 -59.33
CA ARG C 429 -28.52 13.46 -60.78
C ARG C 429 -28.05 12.19 -61.48
N GLY C 430 -27.32 11.32 -60.79
CA GLY C 430 -26.78 10.12 -61.42
C GLY C 430 -25.51 10.42 -62.19
N ILE C 431 -25.30 9.64 -63.27
CA ILE C 431 -24.04 9.71 -63.99
C ILE C 431 -23.88 11.11 -64.58
N ILE C 432 -22.78 11.78 -64.22
CA ILE C 432 -22.50 13.10 -64.74
C ILE C 432 -21.22 13.18 -65.56
N LYS C 433 -20.32 12.21 -65.47
CA LYS C 433 -19.14 12.16 -66.33
C LYS C 433 -18.84 10.72 -66.71
N THR C 434 -18.58 10.49 -67.99
CA THR C 434 -18.09 9.22 -68.48
C THR C 434 -16.64 9.40 -68.90
N PHE C 435 -15.77 8.59 -68.32
CA PHE C 435 -14.34 8.67 -68.60
C PHE C 435 -13.99 7.98 -69.92
N SER C 436 -13.04 8.57 -70.64
CA SER C 436 -12.44 7.96 -71.82
C SER C 436 -11.13 7.28 -71.42
N ASN C 437 -10.52 6.59 -72.39
CA ASN C 437 -9.31 5.85 -72.12
C ASN C 437 -8.17 6.80 -71.74
N GLY C 438 -7.35 6.38 -70.79
CA GLY C 438 -6.30 7.19 -70.21
C GLY C 438 -6.45 7.29 -68.71
N CYS C 439 -5.63 8.14 -68.11
CA CYS C 439 -5.67 8.41 -66.69
C CYS C 439 -6.29 9.78 -66.46
N ASP C 440 -7.30 9.84 -65.61
CA ASP C 440 -8.07 11.05 -65.42
C ASP C 440 -8.39 11.22 -63.95
N TYR C 441 -9.08 12.32 -63.62
CA TYR C 441 -9.32 12.70 -62.25
C TYR C 441 -10.61 13.51 -62.18
N VAL C 442 -11.35 13.34 -61.11
CA VAL C 442 -12.53 14.15 -60.84
C VAL C 442 -12.51 14.59 -59.38
N SER C 443 -12.94 15.82 -59.13
CA SER C 443 -12.98 16.32 -57.76
C SER C 443 -14.19 15.79 -57.02
N ASN C 444 -14.11 15.82 -55.70
CA ASN C 444 -15.23 15.31 -54.90
C ASN C 444 -16.36 16.32 -54.77
N LYS C 445 -16.19 17.55 -55.27
CA LYS C 445 -17.26 18.53 -55.20
C LYS C 445 -18.32 18.20 -56.23
N GLY C 446 -19.53 17.90 -55.77
CA GLY C 446 -20.62 17.52 -56.65
C GLY C 446 -20.60 16.08 -57.11
N VAL C 447 -19.56 15.32 -56.79
CA VAL C 447 -19.44 13.93 -57.18
C VAL C 447 -19.55 13.09 -55.91
N ASP C 448 -20.33 12.02 -55.97
CA ASP C 448 -20.48 11.12 -54.84
C ASP C 448 -19.90 9.74 -55.07
N THR C 449 -19.98 9.19 -56.27
CA THR C 449 -19.42 7.88 -56.52
C THR C 449 -18.68 7.85 -57.85
N VAL C 450 -17.81 6.85 -58.00
CA VAL C 450 -17.11 6.54 -59.23
C VAL C 450 -17.22 5.04 -59.45
N SER C 451 -17.38 4.64 -60.71
CA SER C 451 -17.43 3.21 -61.06
C SER C 451 -16.38 2.92 -62.11
N VAL C 452 -15.56 1.89 -61.86
CA VAL C 452 -14.59 1.39 -62.83
C VAL C 452 -14.86 -0.10 -63.00
N GLY C 453 -15.44 -0.46 -64.14
CA GLY C 453 -15.87 -1.84 -64.33
C GLY C 453 -16.94 -2.21 -63.32
N ASN C 454 -16.77 -3.36 -62.68
CA ASN C 454 -17.72 -3.87 -61.71
C ASN C 454 -17.42 -3.39 -60.30
N THR C 455 -16.52 -2.42 -60.13
CA THR C 455 -16.11 -1.92 -58.83
C THR C 455 -16.66 -0.53 -58.60
N LEU C 456 -17.57 -0.40 -57.63
CA LEU C 456 -18.08 0.90 -57.21
C LEU C 456 -17.23 1.45 -56.07
N TYR C 457 -16.71 2.66 -56.22
CA TYR C 457 -15.97 3.36 -55.17
C TYR C 457 -16.77 4.55 -54.67
N TYR C 458 -16.95 4.65 -53.35
CA TYR C 458 -17.41 5.90 -52.74
C TYR C 458 -16.23 6.83 -52.55
N VAL C 459 -16.45 8.13 -52.83
CA VAL C 459 -15.39 9.13 -52.65
C VAL C 459 -15.52 9.77 -51.28
N ASN C 460 -14.38 10.22 -50.75
CA ASN C 460 -14.37 10.94 -49.48
C ASN C 460 -15.05 12.31 -49.62
N LYS C 461 -15.93 12.63 -48.68
CA LYS C 461 -16.67 13.89 -48.70
C LYS C 461 -16.01 14.95 -47.83
N GLN C 462 -14.72 14.79 -47.53
CA GLN C 462 -13.95 15.80 -46.82
C GLN C 462 -13.93 17.11 -47.61
N GLU C 463 -14.09 18.22 -46.91
CA GLU C 463 -14.06 19.54 -47.52
C GLU C 463 -12.64 19.98 -47.85
N GLY C 464 -12.47 20.59 -49.02
CA GLY C 464 -11.18 21.08 -49.48
C GLY C 464 -11.08 21.24 -50.99
N LYS C 465 -10.23 22.15 -51.44
CA LYS C 465 -10.13 22.51 -52.85
C LYS C 465 -9.17 21.60 -53.60
N SER C 466 -9.56 21.21 -54.82
CA SER C 466 -8.73 20.41 -55.70
C SER C 466 -8.29 21.24 -56.91
N LEU C 467 -7.09 20.99 -57.38
CA LEU C 467 -6.55 21.65 -58.57
C LEU C 467 -6.15 20.61 -59.62
N TYR C 468 -6.67 20.77 -60.83
CA TYR C 468 -6.35 19.87 -61.95
C TYR C 468 -5.22 20.49 -62.74
N VAL C 469 -4.00 19.95 -62.57
CA VAL C 469 -2.83 20.45 -63.28
C VAL C 469 -2.73 19.71 -64.61
N LYS C 470 -3.13 20.40 -65.69
CA LYS C 470 -3.09 19.82 -67.02
C LYS C 470 -1.66 19.52 -67.45
N GLY C 471 -1.50 18.45 -68.23
CA GLY C 471 -0.19 18.03 -68.70
C GLY C 471 -0.26 16.84 -69.62
N GLU C 472 0.70 16.73 -70.53
CA GLU C 472 0.75 15.58 -71.43
C GLU C 472 1.13 14.31 -70.67
N PRO C 473 0.34 13.23 -70.78
CA PRO C 473 0.70 11.95 -70.14
C PRO C 473 2.09 11.51 -70.58
N ILE C 474 2.99 11.30 -69.61
CA ILE C 474 4.39 11.06 -69.93
C ILE C 474 4.62 9.70 -70.59
N ILE C 475 3.64 8.80 -70.54
CA ILE C 475 3.80 7.49 -71.16
C ILE C 475 3.92 7.60 -72.68
N ASN C 476 3.45 8.70 -73.26
CA ASN C 476 3.52 8.91 -74.70
C ASN C 476 4.93 9.21 -75.20
N PHE C 477 5.85 9.58 -74.31
CA PHE C 477 7.20 9.97 -74.71
C PHE C 477 8.14 8.80 -74.94
N TYR C 478 7.71 7.56 -74.74
CA TYR C 478 8.59 6.41 -74.83
C TYR C 478 8.29 5.60 -76.09
N ASP C 479 9.35 5.11 -76.72
CA ASP C 479 9.24 4.23 -77.88
C ASP C 479 9.10 2.80 -77.41
N PRO C 480 7.99 2.12 -77.73
CA PRO C 480 7.76 0.77 -77.18
C PRO C 480 8.79 -0.28 -77.57
N LEU C 481 9.51 -0.10 -78.68
CA LEU C 481 10.45 -1.14 -79.10
C LEU C 481 11.67 -1.21 -78.18
N VAL C 482 11.97 -0.15 -77.43
CA VAL C 482 13.13 -0.16 -76.55
C VAL C 482 12.68 0.19 -75.14
N PHE C 483 11.37 0.26 -74.94
CA PHE C 483 10.82 0.56 -73.63
C PHE C 483 10.97 -0.67 -72.74
N PRO C 484 11.73 -0.62 -71.65
CA PRO C 484 11.80 -1.80 -70.78
C PRO C 484 10.51 -1.95 -69.99
N SER C 485 9.67 -2.92 -70.36
CA SER C 485 8.34 -3.04 -69.78
C SER C 485 8.25 -4.23 -68.84
N ASP C 486 9.36 -4.58 -68.20
CA ASP C 486 9.42 -5.72 -67.28
C ASP C 486 10.06 -5.31 -65.95
N GLU C 487 9.99 -4.03 -65.62
CA GLU C 487 10.62 -3.50 -64.42
C GLU C 487 9.58 -3.42 -63.29
N PHE C 488 9.84 -4.13 -62.21
CA PHE C 488 8.96 -4.07 -61.04
C PHE C 488 9.43 -3.06 -60.01
N ASP C 489 10.74 -2.78 -59.96
CA ASP C 489 11.35 -1.88 -58.97
C ASP C 489 12.40 -1.03 -59.69
N ALA C 490 11.96 -0.12 -60.56
CA ALA C 490 12.91 0.72 -61.27
C ALA C 490 12.82 2.19 -60.91
N SER C 491 13.30 3.05 -61.81
CA SER C 491 13.28 4.49 -61.59
C SER C 491 13.48 5.19 -62.94
N ILE C 492 13.33 6.52 -62.91
CA ILE C 492 13.55 7.33 -64.11
C ILE C 492 14.92 7.04 -64.70
N SER C 493 15.96 7.07 -63.86
CA SER C 493 17.33 6.87 -64.35
C SER C 493 17.55 5.43 -64.78
N GLN C 494 16.92 4.47 -64.10
CA GLN C 494 17.07 3.06 -64.46
C GLN C 494 16.45 2.79 -65.82
N VAL C 495 15.31 3.41 -66.11
CA VAL C 495 14.68 3.27 -67.42
C VAL C 495 15.56 3.88 -68.50
N ASN C 496 16.16 5.04 -68.20
CA ASN C 496 17.05 5.70 -69.15
C ASN C 496 18.24 4.81 -69.50
N GLU C 497 18.95 4.30 -68.50
CA GLU C 497 20.14 3.50 -68.79
C GLU C 497 19.78 2.19 -69.47
N LYS C 498 18.57 1.66 -69.20
CA LYS C 498 18.13 0.44 -69.88
C LYS C 498 17.82 0.71 -71.34
N ILE C 499 17.20 1.85 -71.64
CA ILE C 499 16.94 2.22 -73.03
C ILE C 499 18.24 2.36 -73.81
N ASN C 500 19.26 3.01 -73.22
CA ASN C 500 20.53 3.15 -73.92
C ASN C 500 21.21 1.80 -74.14
N GLN C 501 21.07 0.86 -73.21
CA GLN C 501 21.66 -0.45 -73.44
C GLN C 501 20.95 -1.20 -74.56
N SER C 502 19.68 -0.88 -74.80
CA SER C 502 18.96 -1.47 -75.94
C SER C 502 19.30 -0.74 -77.23
N LEU C 503 19.51 0.58 -77.14
CA LEU C 503 19.84 1.38 -78.32
C LEU C 503 21.29 1.20 -78.75
N ALA C 504 22.20 0.95 -77.81
CA ALA C 504 23.60 0.70 -78.18
C ALA C 504 23.75 -0.61 -78.94
N PHE C 505 22.99 -1.64 -78.56
CA PHE C 505 23.02 -2.89 -79.31
C PHE C 505 22.49 -2.73 -80.72
N ILE C 506 21.64 -1.73 -80.96
CA ILE C 506 21.19 -1.42 -82.31
C ILE C 506 22.15 -0.47 -83.01
N ARG C 507 22.76 0.46 -82.27
CA ARG C 507 23.67 1.43 -82.87
C ARG C 507 24.98 0.78 -83.31
N LYS C 508 25.57 -0.03 -82.43
CA LYS C 508 26.85 -0.66 -82.74
C LYS C 508 26.72 -1.77 -83.78
N SER C 509 25.52 -2.05 -84.28
CA SER C 509 25.41 -2.98 -85.40
C SER C 509 25.60 -2.27 -86.72
N ASP C 510 25.01 -1.08 -86.87
CA ASP C 510 25.24 -0.25 -88.06
C ASP C 510 26.64 0.33 -88.09
N GLU C 511 27.32 0.39 -86.95
CA GLU C 511 28.71 0.84 -86.92
C GLU C 511 29.60 -0.07 -87.76
N LEU C 512 29.23 -1.34 -87.90
CA LEU C 512 29.99 -2.26 -88.74
C LEU C 512 29.74 -2.02 -90.22
N LEU C 513 28.61 -1.41 -90.57
CA LEU C 513 28.25 -1.19 -91.96
C LEU C 513 28.72 0.17 -92.45
S SO4 D . -5.15 11.64 20.93
O1 SO4 D . -5.44 12.36 22.17
O2 SO4 D . -3.82 11.05 21.01
O3 SO4 D . -5.20 12.57 19.81
O4 SO4 D . -6.14 10.59 20.74
S SO4 E . 1.67 -18.06 48.98
O1 SO4 E . 2.58 -16.97 48.67
O2 SO4 E . 1.46 -18.14 50.42
O3 SO4 E . 0.39 -17.85 48.31
O4 SO4 E . 2.25 -19.33 48.51
S SO4 F . 3.09 -30.51 34.28
O1 SO4 F . 4.09 -29.57 34.79
O2 SO4 F . 3.09 -31.71 35.11
O3 SO4 F . 1.78 -29.89 34.32
O4 SO4 F . 3.42 -30.88 32.91
S SO4 G . -21.07 -20.81 20.22
O1 SO4 G . -20.27 -19.90 21.04
O2 SO4 G . -22.04 -21.52 21.07
O3 SO4 G . -21.78 -20.05 19.20
O4 SO4 G . -20.19 -21.78 19.57
S SO4 H . -22.64 -13.85 26.71
O1 SO4 H . -21.33 -14.06 27.33
O2 SO4 H . -23.63 -13.54 27.74
O3 SO4 H . -22.55 -12.72 25.78
O4 SO4 H . -23.03 -15.04 25.97
S SO4 I . -13.93 -9.57 39.85
O1 SO4 I . -13.73 -8.94 41.15
O2 SO4 I . -13.92 -11.02 40.00
O3 SO4 I . -15.21 -9.13 39.29
O4 SO4 I . -12.85 -9.17 38.94
S SO4 J . -5.58 13.06 37.88
O1 SO4 J . -4.29 13.47 38.42
O2 SO4 J . -6.65 13.73 38.61
O3 SO4 J . -5.72 11.61 38.03
O4 SO4 J . -5.66 13.41 36.47
S SO4 K . -8.01 -30.67 25.33
O1 SO4 K . -6.74 -29.94 25.36
O2 SO4 K . -8.24 -31.29 26.63
O3 SO4 K . -9.10 -29.74 25.04
O4 SO4 K . -7.96 -31.70 24.31
C1 NAG L . -3.02 26.01 -44.90
C2 NAG L . -1.91 25.86 -45.93
C3 NAG L . -0.55 25.91 -45.25
C4 NAG L . -0.42 27.17 -44.40
C5 NAG L . -1.61 27.28 -43.44
C6 NAG L . -1.62 28.59 -42.68
C7 NAG L . -1.48 24.44 -47.89
C8 NAG L . -1.75 23.11 -48.53
N2 NAG L . -2.06 24.64 -46.70
O3 NAG L . 0.49 25.89 -46.22
O4 NAG L . 0.78 27.13 -43.64
O5 NAG L . -2.84 27.22 -44.17
O6 NAG L . -1.33 29.69 -43.52
O7 NAG L . -0.78 25.29 -48.42
C1 NAG M . 24.09 5.31 -72.50
C2 NAG M . 25.58 5.07 -72.73
C3 NAG M . 26.35 5.15 -71.40
C4 NAG M . 26.05 6.47 -70.70
C5 NAG M . 24.56 6.62 -70.51
C6 NAG M . 24.17 7.96 -69.90
C7 NAG M . 26.86 3.54 -74.15
C8 NAG M . 26.95 2.16 -74.72
N2 NAG M . 25.82 3.78 -73.37
O3 NAG M . 27.75 5.05 -71.66
O4 NAG M . 26.71 6.50 -69.44
O5 NAG M . 23.90 6.54 -71.78
O6 NAG M . 23.56 8.80 -70.87
O7 NAG M . 27.72 4.39 -74.38
S SO4 N . -21.17 -9.42 8.29
O1 SO4 N . -19.81 -9.56 8.82
O2 SO4 N . -22.11 -9.42 9.40
O3 SO4 N . -21.46 -10.53 7.40
O4 SO4 N . -21.28 -8.17 7.56
S SO4 O . -5.00 18.57 -31.74
O1 SO4 O . -5.49 18.94 -30.40
O2 SO4 O . -3.60 18.95 -31.86
O3 SO4 O . -5.79 19.27 -32.75
O4 SO4 O . -5.14 17.13 -31.92
S SO4 P . -8.53 1.18 -5.33
O1 SO4 P . -7.38 2.09 -5.28
O2 SO4 P . -9.40 1.44 -4.19
O3 SO4 P . -9.27 1.40 -6.57
O4 SO4 P . -8.05 -0.19 -5.28
S SO4 Q . -21.34 18.05 -52.63
O1 SO4 Q . -20.65 19.17 -52.01
O2 SO4 Q . -21.98 17.24 -51.59
O3 SO4 Q . -22.36 18.55 -53.55
O4 SO4 Q . -20.38 17.23 -53.36
S SO4 R . -2.88 10.46 -4.14
O1 SO4 R . -1.75 11.19 -3.59
O2 SO4 R . -3.45 9.58 -3.12
O3 SO4 R . -3.91 11.40 -4.60
O4 SO4 R . -2.44 9.64 -5.28
#